data_5T8T
#
_entry.id   5T8T
#
_cell.length_a   116.580
_cell.length_b   116.580
_cell.length_c   145.600
_cell.angle_alpha   90.000
_cell.angle_beta   90.000
_cell.angle_gamma   90.000
#
_symmetry.space_group_name_H-M   'P 41 2 2'
#
loop_
_entity.id
_entity.type
_entity.pdbx_description
1 polymer 'S-adenosylmethionine synthase'
2 non-polymer 'ADENOSINE MONOPHOSPHATE'
3 non-polymer 'MAGNESIUM ION'
4 water water
#
_entity_poly.entity_id   1
_entity_poly.type   'polypeptide(L)'
_entity_poly.pdbx_seq_one_letter_code
;MAHHHHHHMSEYLFTSESVSEGHPDKVADQVSDAILDAILAQDPKARVAAETLVNTGLCVLAGEITTTAQVDYIKVARET
IKRIGYNSSELGFDANGCAVGVYYDQQSPDIAQGVNEGEGIDLNQGAGDQGLMFGYACDETPTLMPFAIYYSHRLMQRQS
ELRKDGRLPWLRPDAKAQLTVVYDSETGKVKRIDTVVLSTQHDPAISQEELSKAVIEQIIKPVLPPELLTDETKYLINPT
GRFVIGGPQGDCGLTGRKIIVDTYGGAAPHGGGAFSGKDPSKVDRSAAYACRYVAKNIVAAGLATQCQIQVSYAIGVAEP
TSISIDTFGTGKISEEKLIALVCEHFDLRPKGIVQMLDLLRPIYGKSAAYGHFGREEPEFTWERTDKAASLKAAAGL
;
_entity_poly.pdbx_strand_id   A,B
#
# COMPACT_ATOMS: atom_id res chain seq x y z
N SER A 10 15.37 -18.81 19.48
CA SER A 10 16.49 -17.88 19.68
C SER A 10 16.63 -16.89 18.53
N GLU A 11 16.07 -17.22 17.37
CA GLU A 11 16.17 -16.32 16.23
C GLU A 11 14.86 -16.33 15.46
N TYR A 12 14.65 -15.26 14.69
CA TYR A 12 13.48 -15.10 13.86
C TYR A 12 13.89 -14.54 12.50
N LEU A 13 13.04 -14.78 11.51
CA LEU A 13 13.31 -14.35 10.14
C LEU A 13 12.57 -13.06 9.81
N PHE A 14 13.14 -12.29 8.88
CA PHE A 14 12.47 -11.18 8.23
C PHE A 14 12.92 -11.13 6.77
N THR A 15 11.95 -10.91 5.88
CA THR A 15 12.17 -10.80 4.44
C THR A 15 11.64 -9.46 3.93
N SER A 16 12.41 -8.81 3.06
CA SER A 16 11.93 -7.71 2.23
C SER A 16 12.37 -7.94 0.79
N GLU A 17 11.95 -7.04 -0.09
CA GLU A 17 12.20 -7.19 -1.51
C GLU A 17 12.30 -5.82 -2.15
N SER A 18 12.91 -5.78 -3.34
CA SER A 18 12.85 -4.61 -4.19
C SER A 18 12.75 -5.07 -5.63
N VAL A 19 12.47 -4.12 -6.53
CA VAL A 19 12.40 -4.38 -7.95
C VAL A 19 13.16 -3.28 -8.69
N SER A 20 13.61 -3.62 -9.90
CA SER A 20 14.37 -2.64 -10.67
C SER A 20 13.46 -1.58 -11.29
N GLU A 21 14.09 -0.60 -11.92
CA GLU A 21 13.36 0.38 -12.69
C GLU A 21 12.62 -0.23 -13.88
N GLY A 22 12.94 -1.48 -14.28
CA GLY A 22 12.26 -2.11 -15.41
C GLY A 22 10.99 -2.89 -15.05
N HIS A 23 10.68 -3.04 -13.75
CA HIS A 23 9.44 -3.69 -13.35
C HIS A 23 8.24 -2.83 -13.78
N PRO A 24 7.17 -3.45 -14.32
CA PRO A 24 6.09 -2.63 -14.91
C PRO A 24 5.45 -1.65 -13.95
N ASP A 25 5.27 -2.00 -12.67
CA ASP A 25 4.76 -1.03 -11.70
C ASP A 25 5.73 0.13 -11.52
N LYS A 26 7.02 -0.16 -11.45
CA LYS A 26 7.99 0.92 -11.32
C LYS A 26 8.10 1.74 -12.60
N VAL A 27 7.83 1.14 -13.76
CA VAL A 27 7.79 1.95 -14.99
C VAL A 27 6.71 3.00 -14.88
N ALA A 28 5.52 2.60 -14.39
CA ALA A 28 4.42 3.53 -14.20
C ALA A 28 4.76 4.62 -13.18
N ASP A 29 5.35 4.23 -12.03
CA ASP A 29 5.78 5.25 -11.07
C ASP A 29 6.74 6.25 -11.72
N GLN A 30 7.72 5.76 -12.49
CA GLN A 30 8.72 6.66 -13.05
C GLN A 30 8.10 7.59 -14.09
N VAL A 31 7.14 7.09 -14.88
CA VAL A 31 6.49 7.97 -15.84
C VAL A 31 5.71 9.05 -15.12
N SER A 32 5.00 8.67 -14.04
CA SER A 32 4.25 9.66 -13.26
C SER A 32 5.15 10.75 -12.70
N ASP A 33 6.33 10.39 -12.15
CA ASP A 33 7.19 11.41 -11.55
C ASP A 33 8.03 12.16 -12.60
N ALA A 34 8.30 11.54 -13.75
CA ALA A 34 8.93 12.29 -14.85
C ALA A 34 8.00 13.41 -15.32
N ILE A 35 6.72 13.12 -15.43
CA ILE A 35 5.74 14.13 -15.82
C ILE A 35 5.64 15.21 -14.74
N LEU A 36 5.60 14.80 -13.47
CA LEU A 36 5.63 15.75 -12.37
C LEU A 36 6.84 16.68 -12.47
N ASP A 37 8.04 16.10 -12.65
CA ASP A 37 9.24 16.92 -12.74
C ASP A 37 9.18 17.89 -13.93
N ALA A 38 8.73 17.39 -15.08
CA ALA A 38 8.62 18.26 -16.25
C ALA A 38 7.72 19.47 -15.96
N ILE A 39 6.62 19.24 -15.24
CA ILE A 39 5.72 20.34 -14.92
C ILE A 39 6.35 21.28 -13.89
N LEU A 40 6.95 20.71 -12.84
CA LEU A 40 7.51 21.53 -11.78
C LEU A 40 8.68 22.38 -12.27
N ALA A 41 9.37 21.95 -13.33
CA ALA A 41 10.46 22.75 -13.88
C ALA A 41 9.96 24.09 -14.40
N GLN A 42 8.75 24.09 -14.96
CA GLN A 42 8.13 25.31 -15.49
C GLN A 42 7.24 26.01 -14.49
N ASP A 43 6.59 25.27 -13.61
CA ASP A 43 5.53 25.79 -12.75
C ASP A 43 5.68 25.16 -11.38
N PRO A 44 6.49 25.76 -10.50
CA PRO A 44 6.76 25.13 -9.20
C PRO A 44 5.52 24.95 -8.33
N LYS A 45 4.44 25.69 -8.58
CA LYS A 45 3.23 25.61 -7.77
C LYS A 45 2.16 24.73 -8.41
N ALA A 46 2.51 23.91 -9.40
CA ALA A 46 1.48 23.16 -10.08
C ALA A 46 0.82 22.15 -9.15
N ARG A 47 -0.46 21.91 -9.40
CA ARG A 47 -1.20 20.82 -8.77
C ARG A 47 -1.19 19.64 -9.72
N VAL A 48 -0.64 18.50 -9.27
CA VAL A 48 -0.42 17.36 -10.13
C VAL A 48 -0.84 16.10 -9.40
N ALA A 49 -1.69 15.28 -10.03
CA ALA A 49 -2.09 13.96 -9.52
C ALA A 49 -2.09 13.01 -10.72
N ALA A 50 -0.89 12.66 -11.20
CA ALA A 50 -0.70 11.97 -12.47
C ALA A 50 -0.60 10.47 -12.26
N GLU A 51 -1.63 9.74 -12.70
CA GLU A 51 -1.65 8.28 -12.64
C GLU A 51 -1.26 7.69 -13.99
N THR A 52 -0.56 6.55 -13.96
CA THR A 52 -0.09 5.90 -15.18
C THR A 52 -0.44 4.41 -15.11
N LEU A 53 -0.93 3.88 -16.25
CA LEU A 53 -1.09 2.45 -16.46
C LEU A 53 -0.26 2.06 -17.66
N VAL A 54 0.61 1.07 -17.50
CA VAL A 54 1.33 0.54 -18.66
C VAL A 54 0.95 -0.91 -18.87
N ASN A 55 0.94 -1.30 -20.14
CA ASN A 55 0.59 -2.65 -20.52
C ASN A 55 1.19 -2.90 -21.90
N THR A 56 0.81 -4.00 -22.53
CA THR A 56 1.33 -4.33 -23.85
C THR A 56 1.08 -3.17 -24.81
N GLY A 57 2.16 -2.53 -25.26
CA GLY A 57 2.07 -1.43 -26.20
C GLY A 57 1.30 -0.23 -25.69
N LEU A 58 1.24 -0.02 -24.38
CA LEU A 58 0.27 0.92 -23.83
C LEU A 58 0.83 1.71 -22.67
N CYS A 59 0.59 3.02 -22.71
CA CYS A 59 0.86 3.92 -21.59
C CYS A 59 -0.31 4.89 -21.51
N VAL A 60 -1.20 4.67 -20.55
CA VAL A 60 -2.33 5.56 -20.30
C VAL A 60 -1.93 6.55 -19.21
N LEU A 61 -2.11 7.85 -19.50
CA LEU A 61 -1.86 8.93 -18.56
C LEU A 61 -3.22 9.52 -18.18
N ALA A 62 -3.55 9.48 -16.89
CA ALA A 62 -4.85 9.95 -16.42
C ALA A 62 -4.66 10.63 -15.06
N GLY A 63 -5.68 11.36 -14.64
CA GLY A 63 -5.59 12.09 -13.39
C GLY A 63 -5.86 13.57 -13.57
N GLU A 64 -5.48 14.37 -12.59
CA GLU A 64 -5.85 15.78 -12.52
C GLU A 64 -4.60 16.64 -12.43
N ILE A 65 -4.49 17.61 -13.33
CA ILE A 65 -3.35 18.54 -13.38
C ILE A 65 -3.89 19.96 -13.51
N THR A 66 -3.34 20.87 -12.71
CA THR A 66 -3.60 22.31 -12.85
C THR A 66 -2.25 23.01 -12.87
N THR A 67 -1.94 23.69 -13.99
CA THR A 67 -0.60 24.20 -14.20
C THR A 67 -0.59 25.23 -15.32
N THR A 68 0.40 26.11 -15.27
CA THR A 68 0.74 26.94 -16.41
C THR A 68 1.81 26.32 -17.29
N ALA A 69 2.39 25.20 -16.86
CA ALA A 69 3.42 24.54 -17.65
C ALA A 69 2.85 24.06 -18.98
N GLN A 70 3.69 24.11 -20.02
CA GLN A 70 3.39 23.56 -21.33
C GLN A 70 4.32 22.37 -21.53
N VAL A 71 3.83 21.17 -21.25
CA VAL A 71 4.64 19.96 -21.29
C VAL A 71 4.07 19.05 -22.38
N ASP A 72 4.95 18.48 -23.19
CA ASP A 72 4.56 17.44 -24.14
C ASP A 72 4.56 16.11 -23.37
N TYR A 73 3.39 15.76 -22.83
CA TYR A 73 3.30 14.58 -21.96
C TYR A 73 3.69 13.30 -22.67
N ILE A 74 3.28 13.17 -23.93
CA ILE A 74 3.59 11.95 -24.68
C ILE A 74 5.09 11.80 -24.87
N LYS A 75 5.77 12.88 -25.24
CA LYS A 75 7.21 12.79 -25.43
C LYS A 75 7.92 12.49 -24.12
N VAL A 76 7.47 13.11 -23.02
CA VAL A 76 8.10 12.83 -21.73
C VAL A 76 7.91 11.36 -21.34
N ALA A 77 6.71 10.82 -21.54
CA ALA A 77 6.48 9.41 -21.22
C ALA A 77 7.38 8.51 -22.06
N ARG A 78 7.48 8.78 -23.36
CA ARG A 78 8.33 7.96 -24.23
CA ARG A 78 8.33 7.96 -24.24
C ARG A 78 9.79 8.07 -23.83
N GLU A 79 10.27 9.28 -23.59
CA GLU A 79 11.67 9.45 -23.19
C GLU A 79 11.97 8.69 -21.89
N THR A 80 11.00 8.67 -20.96
CA THR A 80 11.21 7.97 -19.70
C THR A 80 11.34 6.47 -19.94
N ILE A 81 10.43 5.90 -20.72
CA ILE A 81 10.44 4.47 -21.00
C ILE A 81 11.73 4.09 -21.73
N LYS A 82 12.18 4.98 -22.63
CA LYS A 82 13.43 4.75 -23.35
C LYS A 82 14.62 4.69 -22.40
N ARG A 83 14.72 5.66 -21.49
CA ARG A 83 15.89 5.72 -20.62
C ARG A 83 15.90 4.56 -19.63
N ILE A 84 14.74 4.04 -19.26
CA ILE A 84 14.67 2.81 -18.46
C ILE A 84 15.32 1.65 -19.21
N GLY A 85 15.30 1.69 -20.54
CA GLY A 85 15.88 0.64 -21.36
C GLY A 85 14.91 -0.05 -22.30
N TYR A 86 13.62 0.29 -22.31
CA TYR A 86 12.67 -0.34 -23.22
C TYR A 86 12.68 0.43 -24.54
N ASN A 87 13.70 0.17 -25.36
CA ASN A 87 13.84 0.95 -26.59
C ASN A 87 14.22 0.09 -27.80
N SER A 88 13.91 -1.19 -27.81
CA SER A 88 14.32 -2.02 -28.93
C SER A 88 13.28 -3.10 -29.13
N SER A 89 13.09 -3.48 -30.40
CA SER A 89 12.02 -4.40 -30.75
C SER A 89 12.12 -5.70 -29.98
N GLU A 90 13.36 -6.18 -29.78
CA GLU A 90 13.59 -7.49 -29.15
C GLU A 90 12.93 -7.60 -27.78
N LEU A 91 12.65 -6.48 -27.12
CA LEU A 91 12.11 -6.47 -25.77
C LEU A 91 10.57 -6.47 -25.72
N GLY A 92 9.89 -6.54 -26.87
CA GLY A 92 8.44 -6.45 -26.85
C GLY A 92 7.93 -5.04 -26.57
N PHE A 93 8.08 -4.58 -25.32
CA PHE A 93 7.70 -3.22 -24.95
C PHE A 93 8.77 -2.25 -25.41
N ASP A 94 8.38 -1.29 -26.25
CA ASP A 94 9.31 -0.38 -26.92
C ASP A 94 8.72 1.02 -26.87
N ALA A 95 9.43 1.96 -26.24
CA ALA A 95 8.97 3.34 -26.20
C ALA A 95 8.66 3.89 -27.58
N ASN A 96 9.33 3.38 -28.62
CA ASN A 96 9.08 3.85 -29.98
C ASN A 96 7.77 3.30 -30.53
N GLY A 97 7.37 2.10 -30.12
CA GLY A 97 6.18 1.47 -30.64
C GLY A 97 5.10 1.23 -29.58
N CYS A 98 4.97 2.14 -28.62
CA CYS A 98 3.95 2.08 -27.59
CA CYS A 98 3.89 2.03 -27.66
C CYS A 98 2.93 3.20 -27.83
N ALA A 99 1.65 2.91 -27.60
CA ALA A 99 0.64 3.96 -27.66
C ALA A 99 0.62 4.72 -26.34
N VAL A 100 0.73 6.05 -26.41
CA VAL A 100 0.57 6.91 -25.23
C VAL A 100 -0.72 7.72 -25.41
N GLY A 101 -1.66 7.54 -24.48
CA GLY A 101 -2.92 8.28 -24.49
C GLY A 101 -3.01 9.19 -23.28
N VAL A 102 -3.32 10.47 -23.54
CA VAL A 102 -3.43 11.49 -22.49
C VAL A 102 -4.90 11.72 -22.17
N TYR A 103 -5.31 11.44 -20.93
CA TYR A 103 -6.70 11.62 -20.51
C TYR A 103 -6.86 12.59 -19.35
N TYR A 104 -5.87 13.46 -19.10
CA TYR A 104 -5.86 14.28 -17.90
C TYR A 104 -7.09 15.18 -17.79
N ASP A 105 -7.56 15.38 -16.55
CA ASP A 105 -8.57 16.36 -16.18
C ASP A 105 -7.93 17.60 -15.56
N GLN A 106 -8.74 18.63 -15.35
CA GLN A 106 -8.33 19.66 -14.41
C GLN A 106 -8.56 19.17 -12.98
N GLN A 107 -7.90 19.82 -12.02
CA GLN A 107 -8.14 19.46 -10.63
C GLN A 107 -9.52 19.96 -10.21
N SER A 108 -10.26 19.09 -9.52
CA SER A 108 -11.59 19.45 -9.06
C SER A 108 -11.54 20.77 -8.29
N PRO A 109 -12.37 21.76 -8.66
CA PRO A 109 -12.42 23.00 -7.88
C PRO A 109 -12.94 22.80 -6.47
N ASP A 110 -13.68 21.73 -6.21
CA ASP A 110 -14.12 21.46 -4.85
C ASP A 110 -12.98 20.97 -3.97
N ILE A 111 -11.99 20.28 -4.58
CA ILE A 111 -10.77 19.94 -3.85
C ILE A 111 -9.91 21.19 -3.67
N ALA A 112 -9.75 21.97 -4.73
CA ALA A 112 -8.97 23.19 -4.69
C ALA A 112 -9.60 24.22 -3.75
N ASP A 122 -0.21 32.13 5.01
CA ASP A 122 -0.01 31.16 3.93
C ASP A 122 0.55 29.85 4.47
N LEU A 123 1.24 29.92 5.61
CA LEU A 123 1.75 28.71 6.25
C LEU A 123 0.65 27.90 6.92
N ASN A 124 -0.56 28.44 7.02
CA ASN A 124 -1.69 27.74 7.63
C ASN A 124 -2.70 27.26 6.60
N GLN A 125 -2.28 27.04 5.35
CA GLN A 125 -3.19 26.55 4.33
C GLN A 125 -3.48 25.07 4.55
N GLY A 126 -4.67 24.64 4.10
CA GLY A 126 -5.19 23.35 4.48
C GLY A 126 -4.61 22.19 3.69
N ALA A 127 -4.73 21.01 4.28
CA ALA A 127 -4.24 19.80 3.65
C ALA A 127 -5.02 19.49 2.38
N GLY A 128 -4.37 18.81 1.44
CA GLY A 128 -5.04 18.46 0.20
C GLY A 128 -6.02 17.30 0.31
N ASP A 129 -6.04 16.60 1.44
CA ASP A 129 -6.81 15.38 1.58
C ASP A 129 -6.72 14.96 3.04
N GLN A 130 -7.62 14.05 3.44
CA GLN A 130 -7.39 13.35 4.68
C GLN A 130 -6.38 12.23 4.42
N GLY A 131 -5.97 11.55 5.49
CA GLY A 131 -5.06 10.43 5.35
C GLY A 131 -4.12 10.32 6.53
N LEU A 132 -3.42 9.18 6.58
CA LEU A 132 -2.48 8.87 7.64
C LEU A 132 -1.16 8.45 6.99
N MET A 133 -0.06 8.71 7.68
CA MET A 133 1.27 8.49 7.12
C MET A 133 2.22 8.05 8.23
N PHE A 134 3.16 7.17 7.89
CA PHE A 134 4.14 6.68 8.85
C PHE A 134 5.55 7.01 8.37
N GLY A 135 6.43 7.25 9.34
CA GLY A 135 7.85 7.34 9.07
C GLY A 135 8.61 6.47 10.05
N TYR A 136 9.85 6.14 9.67
CA TYR A 136 10.60 5.16 10.44
C TYR A 136 12.09 5.39 10.22
N ALA A 137 12.87 5.09 11.25
CA ALA A 137 14.32 5.01 11.12
C ALA A 137 14.84 4.10 12.22
N CYS A 138 16.04 3.54 11.98
CA CYS A 138 16.69 2.68 12.97
C CYS A 138 18.18 2.68 12.67
N ASP A 139 18.96 2.05 13.56
CA ASP A 139 20.41 2.12 13.46
C ASP A 139 21.03 0.92 12.75
N GLU A 140 20.26 0.19 11.96
CA GLU A 140 20.72 -1.07 11.38
C GLU A 140 21.68 -0.87 10.21
N THR A 141 21.66 0.28 9.54
CA THR A 141 22.39 0.51 8.32
C THR A 141 22.96 1.93 8.34
N PRO A 142 23.94 2.23 7.48
CA PRO A 142 24.56 3.57 7.53
C PRO A 142 23.60 4.72 7.26
N THR A 143 22.56 4.53 6.45
CA THR A 143 21.60 5.60 6.22
C THR A 143 20.36 5.47 7.10
N LEU A 144 20.44 4.64 8.14
CA LEU A 144 19.42 4.56 9.20
C LEU A 144 18.11 3.97 8.68
N MET A 145 18.24 2.93 7.88
CA MET A 145 17.16 2.17 7.29
C MET A 145 17.13 0.77 7.87
N PRO A 146 15.98 0.12 7.90
CA PRO A 146 15.94 -1.32 8.17
C PRO A 146 16.82 -2.06 7.17
N PHE A 147 17.40 -3.16 7.64
CA PHE A 147 18.47 -3.84 6.91
C PHE A 147 17.98 -4.41 5.59
N ALA A 148 16.90 -5.19 5.60
CA ALA A 148 16.54 -5.96 4.42
C ALA A 148 16.13 -5.07 3.24
N ILE A 149 15.35 -4.02 3.49
CA ILE A 149 14.94 -3.18 2.36
C ILE A 149 16.12 -2.35 1.86
N TYR A 150 17.01 -1.92 2.77
CA TYR A 150 18.17 -1.14 2.36
C TYR A 150 19.03 -1.90 1.36
N TYR A 151 19.33 -3.17 1.65
CA TYR A 151 20.21 -3.92 0.76
C TYR A 151 19.46 -4.49 -0.44
N SER A 152 18.14 -4.75 -0.31
CA SER A 152 17.34 -5.14 -1.48
C SER A 152 17.37 -4.05 -2.55
N HIS A 153 17.15 -2.80 -2.15
CA HIS A 153 17.24 -1.69 -3.10
C HIS A 153 18.62 -1.63 -3.75
N ARG A 154 19.68 -1.81 -2.96
CA ARG A 154 21.03 -1.67 -3.52
C ARG A 154 21.38 -2.83 -4.46
N LEU A 155 20.80 -4.01 -4.24
CA LEU A 155 20.95 -5.09 -5.22
C LEU A 155 20.37 -4.67 -6.57
N MET A 156 19.18 -4.06 -6.57
CA MET A 156 18.56 -3.66 -7.83
C MET A 156 19.30 -2.49 -8.48
N GLN A 157 19.73 -1.52 -7.68
CA GLN A 157 20.56 -0.43 -8.22
C GLN A 157 21.83 -0.95 -8.87
N ARG A 158 22.47 -1.95 -8.27
CA ARG A 158 23.67 -2.55 -8.84
C ARG A 158 23.38 -3.26 -10.17
N GLN A 159 22.28 -4.00 -10.24
CA GLN A 159 21.83 -4.59 -11.50
C GLN A 159 21.68 -3.50 -12.57
N SER A 160 20.99 -2.41 -12.23
CA SER A 160 20.80 -1.32 -13.17
C SER A 160 22.12 -0.71 -13.60
N GLU A 161 23.01 -0.46 -12.62
CA GLU A 161 24.29 0.17 -12.90
C GLU A 161 25.10 -0.61 -13.93
N LEU A 162 25.24 -1.92 -13.70
CA LEU A 162 26.02 -2.76 -14.61
C LEU A 162 25.36 -2.86 -15.98
N ARG A 163 24.03 -2.84 -16.02
CA ARG A 163 23.34 -2.88 -17.31
C ARG A 163 23.63 -1.62 -18.10
N LYS A 164 23.42 -0.45 -17.50
CA LYS A 164 23.46 0.78 -18.25
C LYS A 164 24.87 1.16 -18.72
N ASP A 165 25.92 0.75 -18.01
CA ASP A 165 27.24 1.08 -18.54
C ASP A 165 27.83 -0.07 -19.36
N GLY A 166 27.08 -1.16 -19.54
CA GLY A 166 27.47 -2.20 -20.46
C GLY A 166 28.49 -3.18 -19.93
N ARG A 167 28.81 -3.13 -18.62
CA ARG A 167 29.73 -4.12 -18.06
C ARG A 167 29.14 -5.52 -18.08
N LEU A 168 27.83 -5.65 -17.96
CA LEU A 168 27.14 -6.91 -18.20
C LEU A 168 26.12 -6.60 -19.29
N PRO A 169 26.53 -6.64 -20.57
CA PRO A 169 25.69 -6.09 -21.64
C PRO A 169 24.45 -6.91 -21.93
N TRP A 170 24.41 -8.16 -21.47
CA TRP A 170 23.27 -9.03 -21.70
C TRP A 170 22.15 -8.84 -20.68
N LEU A 171 22.35 -8.01 -19.66
CA LEU A 171 21.25 -7.68 -18.75
C LEU A 171 20.14 -6.92 -19.47
N ARG A 172 18.90 -7.17 -19.05
CA ARG A 172 17.75 -6.47 -19.56
C ARG A 172 17.05 -5.73 -18.40
N PRO A 173 16.09 -4.84 -18.67
CA PRO A 173 15.66 -3.91 -17.59
C PRO A 173 15.01 -4.54 -16.37
N ASP A 174 14.12 -5.53 -16.54
CA ASP A 174 13.29 -6.00 -15.44
C ASP A 174 14.07 -6.90 -14.50
N ALA A 175 13.91 -6.71 -13.19
CA ALA A 175 14.62 -7.54 -12.21
C ALA A 175 13.94 -7.42 -10.84
N LYS A 176 14.24 -8.40 -9.98
CA LYS A 176 13.69 -8.45 -8.63
C LYS A 176 14.74 -9.00 -7.68
N ALA A 177 14.77 -8.49 -6.44
CA ALA A 177 15.60 -9.02 -5.38
C ALA A 177 14.77 -9.29 -4.13
N GLN A 178 15.13 -10.34 -3.39
CA GLN A 178 14.55 -10.62 -2.08
C GLN A 178 15.65 -11.03 -1.11
N LEU A 179 15.56 -10.53 0.13
CA LEU A 179 16.53 -10.85 1.17
C LEU A 179 15.80 -11.38 2.39
N THR A 180 16.13 -12.60 2.78
CA THR A 180 15.66 -13.14 4.06
C THR A 180 16.82 -13.06 5.05
N VAL A 181 16.57 -12.39 6.17
CA VAL A 181 17.60 -12.06 7.15
C VAL A 181 17.27 -12.75 8.47
N VAL A 182 18.29 -13.28 9.13
CA VAL A 182 18.15 -13.96 10.42
C VAL A 182 18.47 -12.96 11.52
N TYR A 183 17.52 -12.75 12.43
CA TYR A 183 17.67 -11.85 13.56
C TYR A 183 17.81 -12.64 14.85
N ASP A 184 18.58 -12.09 15.79
CA ASP A 184 18.68 -12.70 17.12
C ASP A 184 17.47 -12.27 17.95
N SER A 185 16.77 -13.24 18.55
CA SER A 185 15.52 -12.94 19.22
C SER A 185 15.73 -12.03 20.43
N GLU A 186 16.81 -12.26 21.18
CA GLU A 186 17.08 -11.42 22.34
C GLU A 186 17.66 -10.08 21.93
N THR A 187 18.85 -10.08 21.31
CA THR A 187 19.54 -8.84 21.02
C THR A 187 18.83 -8.02 19.95
N GLY A 188 18.08 -8.67 19.07
CA GLY A 188 17.41 -7.98 17.98
C GLY A 188 18.32 -7.58 16.83
N LYS A 189 19.60 -7.93 16.87
CA LYS A 189 20.53 -7.54 15.83
C LYS A 189 20.57 -8.59 14.73
N VAL A 190 20.91 -8.13 13.52
CA VAL A 190 21.10 -9.04 12.39
C VAL A 190 22.22 -10.01 12.71
N LYS A 191 21.95 -11.30 12.52
CA LYS A 191 22.97 -12.33 12.69
C LYS A 191 23.62 -12.72 11.36
N ARG A 192 22.79 -12.97 10.35
CA ARG A 192 23.30 -13.45 9.07
C ARG A 192 22.19 -13.26 8.03
N ILE A 193 22.59 -13.45 6.78
CA ILE A 193 21.64 -13.44 5.67
C ILE A 193 21.32 -14.90 5.36
N ASP A 194 20.04 -15.25 5.43
CA ASP A 194 19.63 -16.62 5.18
C ASP A 194 19.54 -16.93 3.69
N THR A 195 18.87 -16.08 2.93
CA THR A 195 18.61 -16.34 1.52
C THR A 195 18.68 -15.02 0.75
N VAL A 196 19.35 -15.07 -0.41
CA VAL A 196 19.29 -14.00 -1.40
C VAL A 196 18.59 -14.56 -2.62
N VAL A 197 17.55 -13.88 -3.07
CA VAL A 197 16.88 -14.18 -4.33
C VAL A 197 17.18 -13.04 -5.30
N LEU A 198 17.69 -13.37 -6.48
CA LEU A 198 17.96 -12.36 -7.50
C LEU A 198 17.46 -12.90 -8.82
N SER A 199 16.40 -12.30 -9.35
CA SER A 199 15.93 -12.63 -10.69
C SER A 199 16.19 -11.44 -11.60
N THR A 200 16.77 -11.70 -12.78
CA THR A 200 17.02 -10.62 -13.73
C THR A 200 16.66 -11.09 -15.13
N GLN A 201 16.00 -10.19 -15.86
CA GLN A 201 15.82 -10.33 -17.31
C GLN A 201 17.18 -10.31 -18.00
N HIS A 202 17.27 -11.01 -19.15
CA HIS A 202 18.56 -11.21 -19.80
C HIS A 202 18.35 -11.61 -21.26
N ASP A 203 19.35 -11.30 -22.09
CA ASP A 203 19.33 -11.77 -23.48
C ASP A 203 19.27 -13.29 -23.53
N PRO A 204 18.57 -13.88 -24.50
CA PRO A 204 18.39 -15.34 -24.49
C PRO A 204 19.65 -16.14 -24.72
N ALA A 205 20.74 -15.52 -25.20
CA ALA A 205 21.94 -16.29 -25.52
C ALA A 205 22.78 -16.66 -24.31
N ILE A 206 22.56 -16.08 -23.15
CA ILE A 206 23.37 -16.44 -22.00
C ILE A 206 22.72 -17.60 -21.25
N SER A 207 23.52 -18.57 -20.86
CA SER A 207 23.03 -19.73 -20.13
C SER A 207 22.75 -19.35 -18.68
N GLN A 208 21.85 -20.09 -18.05
CA GLN A 208 21.55 -19.84 -16.64
C GLN A 208 22.79 -19.99 -15.78
N GLU A 209 23.71 -20.88 -16.15
CA GLU A 209 24.91 -21.10 -15.35
C GLU A 209 25.86 -19.91 -15.45
N GLU A 210 26.09 -19.39 -16.65
CA GLU A 210 26.91 -18.19 -16.83
C GLU A 210 26.26 -17.00 -16.12
N LEU A 211 24.94 -16.85 -16.29
CA LEU A 211 24.21 -15.79 -15.62
C LEU A 211 24.38 -15.88 -14.11
N SER A 212 24.19 -17.08 -13.55
CA SER A 212 24.25 -17.23 -12.11
C SER A 212 25.62 -16.82 -11.57
N LYS A 213 26.70 -17.26 -12.23
CA LYS A 213 28.04 -16.92 -11.76
C LYS A 213 28.28 -15.42 -11.82
N ALA A 214 27.86 -14.77 -12.90
CA ALA A 214 28.05 -13.33 -13.02
C ALA A 214 27.20 -12.56 -12.02
N VAL A 215 25.97 -13.00 -11.78
CA VAL A 215 25.12 -12.34 -10.78
C VAL A 215 25.75 -12.41 -9.39
N ILE A 216 26.28 -13.57 -9.02
CA ILE A 216 26.86 -13.69 -7.67
C ILE A 216 28.13 -12.86 -7.55
N GLU A 217 29.00 -12.92 -8.57
CA GLU A 217 30.27 -12.18 -8.53
C GLU A 217 30.07 -10.67 -8.62
N GLN A 218 29.12 -10.22 -9.45
CA GLN A 218 29.07 -8.80 -9.80
C GLN A 218 27.91 -8.03 -9.17
N ILE A 219 26.83 -8.69 -8.79
CA ILE A 219 25.67 -8.02 -8.21
C ILE A 219 25.56 -8.31 -6.71
N ILE A 220 25.56 -9.59 -6.33
CA ILE A 220 25.28 -9.95 -4.93
C ILE A 220 26.49 -9.69 -4.04
N LYS A 221 27.62 -10.32 -4.34
CA LYS A 221 28.78 -10.18 -3.45
C LYS A 221 29.27 -8.74 -3.30
N PRO A 222 29.28 -7.89 -4.33
CA PRO A 222 29.76 -6.51 -4.12
C PRO A 222 28.79 -5.63 -3.33
N VAL A 223 27.55 -6.06 -3.10
CA VAL A 223 26.56 -5.25 -2.44
C VAL A 223 26.36 -5.66 -0.98
N LEU A 224 26.35 -6.99 -0.67
CA LEU A 224 26.02 -7.41 0.68
C LEU A 224 27.26 -7.42 1.58
N PRO A 225 27.09 -7.21 2.89
CA PRO A 225 28.25 -7.24 3.81
C PRO A 225 28.82 -8.65 3.90
N PRO A 226 30.10 -8.80 3.56
CA PRO A 226 30.73 -10.14 3.57
C PRO A 226 30.56 -10.91 4.88
N GLU A 227 30.60 -10.22 6.03
CA GLU A 227 30.52 -10.92 7.32
C GLU A 227 29.16 -11.58 7.53
N LEU A 228 28.13 -11.17 6.79
CA LEU A 228 26.80 -11.74 6.97
C LEU A 228 26.45 -12.78 5.93
N LEU A 229 27.33 -13.06 4.97
CA LEU A 229 27.17 -14.17 4.03
C LEU A 229 27.99 -15.34 4.54
N THR A 230 27.32 -16.42 4.91
CA THR A 230 27.97 -17.58 5.51
C THR A 230 27.81 -18.79 4.60
N ASP A 231 28.33 -19.93 5.08
CA ASP A 231 28.21 -21.18 4.36
C ASP A 231 26.77 -21.68 4.30
N GLU A 232 25.90 -21.19 5.18
CA GLU A 232 24.49 -21.51 5.16
C GLU A 232 23.66 -20.62 4.23
N THR A 233 24.25 -19.55 3.68
CA THR A 233 23.47 -18.64 2.85
C THR A 233 23.06 -19.32 1.55
N LYS A 234 21.79 -19.18 1.19
CA LYS A 234 21.24 -19.73 -0.05
C LYS A 234 21.12 -18.62 -1.09
N TYR A 235 21.67 -18.87 -2.29
CA TYR A 235 21.64 -17.94 -3.42
C TYR A 235 20.73 -18.52 -4.50
N LEU A 236 19.53 -17.94 -4.63
CA LEU A 236 18.53 -18.41 -5.59
C LEU A 236 18.49 -17.41 -6.74
N ILE A 237 19.16 -17.75 -7.84
CA ILE A 237 19.29 -16.89 -9.02
C ILE A 237 18.34 -17.40 -10.10
N ASN A 238 17.46 -16.54 -10.59
CA ASN A 238 16.43 -16.89 -11.57
C ASN A 238 15.80 -18.23 -11.20
N PRO A 239 15.21 -18.36 -10.00
CA PRO A 239 14.76 -19.68 -9.54
C PRO A 239 13.70 -20.32 -10.44
N THR A 240 12.97 -19.54 -11.22
CA THR A 240 11.97 -20.12 -12.11
C THR A 240 12.48 -20.30 -13.54
N GLY A 241 13.78 -20.23 -13.76
CA GLY A 241 14.35 -20.40 -15.07
C GLY A 241 14.58 -19.09 -15.81
N ARG A 242 14.74 -19.22 -17.13
CA ARG A 242 15.11 -18.05 -17.93
C ARG A 242 14.03 -16.97 -17.85
N PHE A 243 14.46 -15.75 -18.11
CA PHE A 243 13.72 -14.53 -17.82
C PHE A 243 14.05 -13.62 -19.02
N VAL A 244 13.45 -13.90 -20.16
CA VAL A 244 13.83 -13.23 -21.41
C VAL A 244 12.94 -12.04 -21.70
N ILE A 245 11.64 -12.14 -21.43
CA ILE A 245 10.69 -11.07 -21.66
C ILE A 245 10.16 -10.60 -20.30
N GLY A 246 10.04 -9.30 -20.15
CA GLY A 246 9.60 -8.71 -18.88
C GLY A 246 8.94 -7.37 -19.11
N GLY A 247 8.86 -6.55 -18.07
CA GLY A 247 8.24 -5.24 -18.20
C GLY A 247 6.77 -5.32 -18.54
N PRO A 248 6.24 -4.26 -19.17
CA PRO A 248 4.82 -4.25 -19.51
C PRO A 248 4.44 -5.13 -20.70
N GLN A 249 5.36 -5.90 -21.29
CA GLN A 249 4.99 -6.81 -22.36
C GLN A 249 4.23 -7.98 -21.78
N GLY A 250 2.93 -8.04 -22.04
CA GLY A 250 2.10 -9.08 -21.46
C GLY A 250 1.94 -8.99 -19.96
N ASP A 251 2.15 -7.81 -19.38
CA ASP A 251 1.97 -7.60 -17.95
C ASP A 251 1.53 -6.16 -17.74
N CYS A 252 0.84 -5.90 -16.64
CA CYS A 252 0.30 -4.57 -16.38
CA CYS A 252 0.26 -4.60 -16.32
C CYS A 252 1.03 -3.92 -15.21
N GLY A 253 1.31 -2.63 -15.36
CA GLY A 253 1.90 -1.84 -14.30
C GLY A 253 1.05 -0.62 -14.00
N LEU A 254 1.02 -0.23 -12.73
CA LEU A 254 0.19 0.90 -12.33
CA LEU A 254 0.16 0.87 -12.27
C LEU A 254 0.93 1.73 -11.28
N THR A 255 0.72 3.05 -11.35
CA THR A 255 1.32 3.92 -10.35
C THR A 255 0.88 3.48 -8.95
N GLY A 256 1.80 3.54 -7.99
CA GLY A 256 1.42 3.31 -6.61
C GLY A 256 1.09 1.88 -6.24
N ARG A 257 1.68 0.90 -6.93
CA ARG A 257 1.48 -0.51 -6.58
C ARG A 257 2.74 -1.15 -5.98
N LYS A 258 3.70 -0.33 -5.57
CA LYS A 258 4.91 -0.79 -4.87
C LYS A 258 5.19 0.13 -3.68
N ILE A 259 4.13 0.47 -2.93
CA ILE A 259 4.29 1.47 -1.88
C ILE A 259 5.09 0.93 -0.71
N ILE A 260 5.13 -0.38 -0.52
CA ILE A 260 5.93 -0.96 0.57
C ILE A 260 7.40 -1.02 0.16
N VAL A 261 7.68 -1.50 -1.06
CA VAL A 261 9.01 -1.38 -1.65
C VAL A 261 9.49 0.06 -1.61
N ASP A 262 8.59 1.01 -1.87
CA ASP A 262 8.95 2.42 -1.90
C ASP A 262 9.38 2.97 -0.55
N THR A 263 9.02 2.31 0.57
CA THR A 263 9.20 2.91 1.88
C THR A 263 10.13 2.03 2.70
N TYR A 264 9.62 1.18 3.59
CA TYR A 264 10.45 0.47 4.56
C TYR A 264 10.37 -1.04 4.43
N GLY A 265 9.77 -1.55 3.35
CA GLY A 265 9.81 -2.98 3.09
C GLY A 265 9.10 -3.83 4.12
N GLY A 266 8.08 -3.31 4.79
CA GLY A 266 7.37 -4.09 5.77
C GLY A 266 7.91 -4.00 7.18
N ALA A 267 8.99 -3.26 7.40
CA ALA A 267 9.53 -3.08 8.74
C ALA A 267 8.72 -2.10 9.56
N ALA A 268 7.80 -1.38 8.92
CA ALA A 268 6.97 -0.37 9.56
C ALA A 268 5.61 -0.38 8.89
N PRO A 269 4.56 0.04 9.59
CA PRO A 269 3.26 0.16 8.92
C PRO A 269 3.31 1.27 7.89
N HIS A 270 2.29 1.27 7.04
CA HIS A 270 2.13 2.22 5.97
C HIS A 270 0.72 2.79 6.04
N GLY A 271 0.58 4.06 5.67
CA GLY A 271 -0.72 4.71 5.71
C GLY A 271 -1.58 4.50 4.49
N GLY A 272 -1.02 3.99 3.38
CA GLY A 272 -1.77 3.62 2.20
C GLY A 272 -1.56 4.49 0.98
N GLY A 273 -1.04 5.70 1.14
CA GLY A 273 -0.92 6.60 0.00
C GLY A 273 0.30 6.30 -0.86
N ALA A 274 0.13 6.46 -2.18
CA ALA A 274 1.21 6.40 -3.14
C ALA A 274 1.90 7.75 -3.23
N PHE A 275 3.16 7.73 -3.68
CA PHE A 275 3.96 8.95 -3.79
C PHE A 275 4.00 9.51 -5.19
N SER A 276 4.26 8.66 -6.19
CA SER A 276 4.64 9.14 -7.52
C SER A 276 3.46 9.79 -8.22
N GLY A 277 3.75 10.85 -8.98
CA GLY A 277 2.72 11.58 -9.69
C GLY A 277 2.04 12.68 -8.90
N LYS A 278 2.41 12.87 -7.64
CA LYS A 278 1.74 13.81 -6.74
C LYS A 278 2.67 14.98 -6.43
N ASP A 279 2.17 16.20 -6.62
CA ASP A 279 2.94 17.37 -6.24
C ASP A 279 3.03 17.45 -4.72
N PRO A 280 3.95 18.27 -4.18
CA PRO A 280 4.19 18.27 -2.73
C PRO A 280 3.05 18.83 -1.88
N SER A 281 1.96 19.31 -2.45
CA SER A 281 0.81 19.67 -1.62
C SER A 281 -0.03 18.46 -1.22
N LYS A 282 0.23 17.29 -1.83
CA LYS A 282 -0.43 16.05 -1.43
C LYS A 282 0.28 15.50 -0.19
N VAL A 283 -0.38 15.57 0.98
CA VAL A 283 0.24 15.11 2.23
C VAL A 283 0.62 13.64 2.15
N ASP A 284 -0.07 12.85 1.30
CA ASP A 284 0.36 11.47 1.04
C ASP A 284 1.86 11.38 0.82
N ARG A 285 2.41 12.31 0.03
CA ARG A 285 3.83 12.31 -0.21
C ARG A 285 4.60 13.19 0.78
N SER A 286 4.19 14.44 0.94
CA SER A 286 4.99 15.38 1.73
C SER A 286 5.05 14.98 3.20
N ALA A 287 3.94 14.49 3.76
CA ALA A 287 3.96 14.13 5.19
C ALA A 287 4.73 12.84 5.43
N ALA A 288 4.69 11.92 4.48
CA ALA A 288 5.53 10.72 4.60
C ALA A 288 7.00 11.09 4.57
N TYR A 289 7.37 12.05 3.72
CA TYR A 289 8.75 12.50 3.67
C TYR A 289 9.13 13.21 4.97
N ALA A 290 8.24 14.04 5.50
CA ALA A 290 8.52 14.71 6.77
C ALA A 290 8.69 13.70 7.90
N CYS A 291 7.86 12.66 7.93
CA CYS A 291 7.93 11.67 8.99
C CYS A 291 9.24 10.89 8.94
N ARG A 292 9.72 10.56 7.73
CA ARG A 292 11.06 10.01 7.58
C ARG A 292 12.10 10.96 8.13
N TYR A 293 12.01 12.24 7.73
CA TYR A 293 12.95 13.26 8.18
C TYR A 293 12.94 13.37 9.70
N VAL A 294 11.76 13.42 10.31
CA VAL A 294 11.67 13.47 11.77
C VAL A 294 12.29 12.24 12.39
N ALA A 295 11.84 11.05 11.98
CA ALA A 295 12.33 9.84 12.62
C ALA A 295 13.84 9.69 12.43
N LYS A 296 14.34 10.05 11.25
CA LYS A 296 15.77 9.88 10.99
C LYS A 296 16.61 10.81 11.85
N ASN A 297 16.15 12.04 12.07
CA ASN A 297 16.93 12.96 12.89
C ASN A 297 16.88 12.59 14.36
N ILE A 298 15.78 11.98 14.80
CA ILE A 298 15.72 11.48 16.17
C ILE A 298 16.76 10.39 16.38
N VAL A 299 16.87 9.46 15.43
CA VAL A 299 17.85 8.39 15.55
C VAL A 299 19.27 8.93 15.41
N ALA A 300 19.50 9.83 14.45
CA ALA A 300 20.83 10.41 14.29
C ALA A 300 21.21 11.25 15.50
N ALA A 301 20.22 11.80 16.21
CA ALA A 301 20.50 12.53 17.44
C ALA A 301 20.87 11.62 18.59
N GLY A 302 20.81 10.30 18.39
CA GLY A 302 21.05 9.38 19.47
C GLY A 302 19.93 9.29 20.47
N LEU A 303 18.75 9.85 20.19
CA LEU A 303 17.67 9.80 21.17
C LEU A 303 16.87 8.51 21.11
N ALA A 304 17.11 7.66 20.12
CA ALA A 304 16.53 6.33 20.01
C ALA A 304 17.31 5.57 18.96
N THR A 305 17.28 4.24 19.09
CA THR A 305 17.87 3.36 18.07
C THR A 305 16.81 2.81 17.11
N GLN A 306 15.54 2.90 17.46
CA GLN A 306 14.40 2.70 16.56
C GLN A 306 13.39 3.81 16.82
N CYS A 307 12.80 4.34 15.75
CA CYS A 307 11.81 5.38 15.94
C CYS A 307 10.75 5.30 14.84
N GLN A 308 9.49 5.38 15.24
CA GLN A 308 8.37 5.31 14.31
C GLN A 308 7.38 6.42 14.64
N ILE A 309 6.88 7.10 13.61
CA ILE A 309 5.96 8.20 13.78
C ILE A 309 4.74 8.00 12.88
N GLN A 310 3.56 8.31 13.39
CA GLN A 310 2.35 8.39 12.58
C GLN A 310 1.77 9.80 12.68
N VAL A 311 1.39 10.36 11.55
CA VAL A 311 0.59 11.58 11.53
C VAL A 311 -0.65 11.32 10.69
N SER A 312 -1.63 12.21 10.83
CA SER A 312 -2.82 12.16 10.00
C SER A 312 -3.29 13.59 9.76
N TYR A 313 -4.09 13.76 8.72
CA TYR A 313 -4.64 15.07 8.36
C TYR A 313 -6.13 14.95 8.08
N ALA A 314 -6.80 16.10 8.07
CA ALA A 314 -8.15 16.23 7.53
C ALA A 314 -8.11 17.20 6.36
N ILE A 315 -8.86 16.90 5.29
CA ILE A 315 -8.83 17.75 4.11
C ILE A 315 -9.23 19.17 4.51
N GLY A 316 -8.44 20.14 4.10
CA GLY A 316 -8.70 21.52 4.45
C GLY A 316 -8.38 21.91 5.89
N VAL A 317 -7.42 21.24 6.51
CA VAL A 317 -6.94 21.63 7.83
C VAL A 317 -5.42 21.59 7.82
N ALA A 318 -4.80 22.61 8.42
CA ALA A 318 -3.34 22.74 8.38
C ALA A 318 -2.64 21.80 9.35
N GLU A 319 -2.84 22.00 10.65
CA GLU A 319 -2.15 21.17 11.63
C GLU A 319 -2.62 19.72 11.53
N PRO A 320 -1.72 18.75 11.74
CA PRO A 320 -2.14 17.34 11.69
C PRO A 320 -3.26 17.07 12.69
N THR A 321 -4.21 16.23 12.29
CA THR A 321 -5.24 15.81 13.23
C THR A 321 -4.71 14.85 14.30
N SER A 322 -3.54 14.27 14.08
CA SER A 322 -2.91 13.45 15.11
C SER A 322 -1.44 13.32 14.81
N ILE A 323 -0.67 13.02 15.86
CA ILE A 323 0.73 12.66 15.75
C ILE A 323 1.07 11.70 16.87
N SER A 324 1.83 10.65 16.55
CA SER A 324 2.27 9.73 17.58
C SER A 324 3.69 9.27 17.26
N ILE A 325 4.43 8.93 18.31
CA ILE A 325 5.83 8.53 18.20
C ILE A 325 6.01 7.28 19.04
N ASP A 326 6.73 6.29 18.48
CA ASP A 326 7.04 5.06 19.20
C ASP A 326 8.53 4.79 19.02
N THR A 327 9.25 4.67 20.13
CA THR A 327 10.65 4.27 20.13
C THR A 327 10.87 2.84 20.58
N PHE A 328 9.78 2.09 20.81
CA PHE A 328 9.83 0.65 21.05
C PHE A 328 10.73 0.29 22.23
N GLY A 329 10.81 1.16 23.22
CA GLY A 329 11.62 0.93 24.38
C GLY A 329 13.07 1.36 24.25
N THR A 330 13.47 1.94 23.13
CA THR A 330 14.84 2.42 22.95
C THR A 330 15.00 3.90 23.23
N GLY A 331 13.89 4.63 23.46
CA GLY A 331 13.99 6.06 23.63
C GLY A 331 14.73 6.44 24.91
N LYS A 332 15.63 7.42 24.78
CA LYS A 332 16.32 7.95 25.95
C LYS A 332 15.49 8.98 26.69
N ILE A 333 14.39 9.45 26.09
CA ILE A 333 13.40 10.27 26.78
C ILE A 333 12.02 9.74 26.38
N SER A 334 11.01 10.19 27.12
CA SER A 334 9.66 9.70 26.90
C SER A 334 9.17 10.11 25.51
N GLU A 335 8.29 9.28 24.95
CA GLU A 335 7.69 9.62 23.67
C GLU A 335 6.88 10.91 23.76
N GLU A 336 6.30 11.19 24.93
CA GLU A 336 5.70 12.49 25.20
C GLU A 336 6.69 13.62 24.94
N LYS A 337 7.85 13.57 25.60
CA LYS A 337 8.87 14.60 25.40
C LYS A 337 9.32 14.69 23.95
N LEU A 338 9.42 13.54 23.27
CA LEU A 338 9.83 13.57 21.87
C LEU A 338 8.82 14.31 21.01
N ILE A 339 7.52 14.13 21.30
CA ILE A 339 6.50 14.83 20.53
C ILE A 339 6.64 16.34 20.72
N ALA A 340 6.94 16.77 21.95
CA ALA A 340 7.17 18.19 22.20
C ALA A 340 8.40 18.68 21.44
N LEU A 341 9.50 17.93 21.48
CA LEU A 341 10.68 18.28 20.70
C LEU A 341 10.35 18.42 19.22
N VAL A 342 9.59 17.46 18.68
CA VAL A 342 9.25 17.48 17.26
C VAL A 342 8.42 18.72 16.93
N CYS A 343 7.37 18.96 17.70
CA CYS A 343 6.52 20.13 17.44
C CYS A 343 7.28 21.43 17.55
N GLU A 344 8.38 21.47 18.31
CA GLU A 344 9.18 22.68 18.38
C GLU A 344 10.17 22.80 17.24
N HIS A 345 10.63 21.68 16.67
CA HIS A 345 11.69 21.73 15.68
C HIS A 345 11.23 21.47 14.25
N PHE A 346 10.00 21.01 14.05
CA PHE A 346 9.52 20.66 12.71
C PHE A 346 8.13 21.27 12.51
N ASP A 347 7.92 21.87 11.35
CA ASP A 347 6.61 22.40 10.98
C ASP A 347 5.94 21.37 10.08
N LEU A 348 4.94 20.66 10.63
CA LEU A 348 4.27 19.58 9.94
C LEU A 348 2.96 20.03 9.27
N ARG A 349 2.67 21.32 9.27
CA ARG A 349 1.61 21.80 8.42
C ARG A 349 2.04 21.62 6.96
N PRO A 350 1.10 21.40 6.04
CA PRO A 350 1.52 21.06 4.66
C PRO A 350 2.43 22.09 4.03
N LYS A 351 2.17 23.39 4.20
CA LYS A 351 3.09 24.38 3.64
C LYS A 351 4.38 24.45 4.45
N GLY A 352 4.33 24.16 5.75
CA GLY A 352 5.56 24.14 6.54
C GLY A 352 6.52 23.07 6.06
N ILE A 353 5.97 21.91 5.68
CA ILE A 353 6.80 20.81 5.19
C ILE A 353 7.48 21.19 3.88
N VAL A 354 6.72 21.81 2.98
CA VAL A 354 7.27 22.21 1.69
C VAL A 354 8.42 23.20 1.87
N GLN A 355 8.28 24.13 2.80
CA GLN A 355 9.38 25.06 3.07
C GLN A 355 10.52 24.36 3.80
N MET A 356 10.19 23.50 4.77
CA MET A 356 11.21 22.76 5.51
C MET A 356 12.09 21.91 4.59
N LEU A 357 11.51 21.27 3.59
CA LEU A 357 12.24 20.34 2.76
C LEU A 357 12.51 20.87 1.36
N ASP A 358 12.16 22.12 1.06
CA ASP A 358 12.42 22.72 -0.26
C ASP A 358 11.89 21.82 -1.37
N LEU A 359 10.57 21.57 -1.32
CA LEU A 359 9.95 20.52 -2.12
C LEU A 359 9.47 20.98 -3.49
N LEU A 360 9.43 22.28 -3.77
CA LEU A 360 8.89 22.77 -5.04
C LEU A 360 9.98 22.78 -6.11
N ARG A 361 10.52 21.60 -6.40
CA ARG A 361 11.62 21.45 -7.33
C ARG A 361 11.49 20.12 -8.06
N PRO A 362 11.96 20.04 -9.31
CA PRO A 362 11.85 18.77 -10.06
C PRO A 362 12.84 17.72 -9.56
N ILE A 363 12.63 17.24 -8.34
CA ILE A 363 13.56 16.34 -7.67
C ILE A 363 13.01 14.92 -7.56
N TYR A 364 11.87 14.62 -8.19
CA TYR A 364 11.13 13.41 -7.83
C TYR A 364 11.37 12.24 -8.76
N GLY A 365 11.91 12.48 -9.97
CA GLY A 365 12.10 11.39 -10.90
C GLY A 365 13.01 10.30 -10.37
N LYS A 366 14.05 10.70 -9.63
CA LYS A 366 14.99 9.74 -9.06
C LYS A 366 14.38 8.93 -7.92
N SER A 367 13.38 9.49 -7.23
CA SER A 367 12.78 8.79 -6.09
C SER A 367 11.95 7.59 -6.51
N ALA A 368 11.56 7.52 -7.78
CA ALA A 368 10.50 6.61 -8.21
C ALA A 368 10.97 5.20 -8.53
N ALA A 369 12.26 4.93 -8.42
CA ALA A 369 12.77 3.56 -8.40
C ALA A 369 13.87 3.48 -7.34
N TYR A 370 14.01 2.29 -6.74
CA TYR A 370 15.05 2.00 -5.75
C TYR A 370 14.81 2.68 -4.41
N GLY A 371 13.58 3.12 -4.16
CA GLY A 371 13.18 3.55 -2.83
C GLY A 371 13.21 5.04 -2.63
N HIS A 372 12.23 5.54 -1.87
CA HIS A 372 12.22 6.97 -1.55
C HIS A 372 13.08 7.30 -0.35
N PHE A 373 13.42 6.29 0.46
CA PHE A 373 14.08 6.52 1.73
C PHE A 373 15.36 5.69 1.81
N GLY A 374 16.36 6.25 2.48
CA GLY A 374 17.61 5.58 2.70
C GLY A 374 18.72 5.93 1.74
N ARG A 375 18.47 6.82 0.78
CA ARG A 375 19.47 7.25 -0.18
C ARG A 375 19.82 8.70 0.09
N GLU A 376 21.05 8.95 0.53
CA GLU A 376 21.47 10.29 0.92
C GLU A 376 21.99 11.04 -0.31
N GLU A 377 21.06 11.26 -1.26
CA GLU A 377 21.29 12.06 -2.45
C GLU A 377 20.97 13.53 -2.17
N PRO A 378 21.67 14.45 -2.83
CA PRO A 378 21.37 15.89 -2.63
C PRO A 378 19.92 16.26 -2.85
N GLU A 379 19.24 15.60 -3.78
CA GLU A 379 17.82 15.91 -4.01
C GLU A 379 16.96 15.56 -2.78
N PHE A 380 17.34 14.54 -2.03
CA PHE A 380 16.44 13.95 -1.02
C PHE A 380 16.68 14.65 0.32
N THR A 381 16.11 15.85 0.43
CA THR A 381 16.31 16.68 1.61
C THR A 381 15.83 15.99 2.88
N TRP A 382 14.83 15.11 2.77
CA TRP A 382 14.30 14.42 3.93
C TRP A 382 15.25 13.34 4.45
N GLU A 383 16.39 13.11 3.80
CA GLU A 383 17.44 12.25 4.31
C GLU A 383 18.53 13.02 5.05
N ARG A 384 18.44 14.35 5.10
CA ARG A 384 19.42 15.13 5.84
CA ARG A 384 19.41 15.15 5.84
C ARG A 384 19.23 14.95 7.34
N THR A 385 20.34 14.91 8.06
CA THR A 385 20.34 14.82 9.52
C THR A 385 20.78 16.15 10.13
N ASP A 386 20.34 17.26 9.53
CA ASP A 386 20.74 18.60 9.92
C ASP A 386 20.03 19.11 11.17
N LYS A 387 19.11 18.33 11.74
CA LYS A 387 18.48 18.70 12.99
C LYS A 387 18.91 17.84 14.17
N ALA A 388 19.69 16.78 13.92
CA ALA A 388 20.06 15.85 14.98
C ALA A 388 20.79 16.56 16.12
N ALA A 389 21.81 17.35 15.80
CA ALA A 389 22.57 18.03 16.85
C ALA A 389 21.67 18.96 17.66
N SER A 390 20.79 19.69 16.99
CA SER A 390 19.85 20.57 17.69
C SER A 390 18.89 19.78 18.56
N LEU A 391 18.44 18.61 18.09
CA LEU A 391 17.55 17.78 18.91
C LEU A 391 18.29 17.19 20.10
N LYS A 392 19.56 16.83 19.90
CA LYS A 392 20.37 16.25 20.96
C LYS A 392 20.53 17.23 22.12
N ALA A 393 20.93 18.47 21.82
CA ALA A 393 21.10 19.46 22.88
C ALA A 393 19.76 19.82 23.52
N ALA A 394 18.70 19.95 22.71
CA ALA A 394 17.41 20.39 23.25
C ALA A 394 16.82 19.38 24.24
N ALA A 395 17.20 18.12 24.16
CA ALA A 395 16.73 17.10 25.10
C ALA A 395 17.52 17.06 26.39
N GLY A 396 18.56 17.86 26.52
CA GLY A 396 19.42 17.76 27.68
C GLY A 396 20.47 16.68 27.58
N LEU A 397 20.74 16.18 26.38
CA LEU A 397 21.75 15.16 26.16
C LEU A 397 22.93 15.72 25.35
N SER B 10 0.70 8.72 29.53
CA SER B 10 -0.53 8.06 29.93
C SER B 10 -1.40 7.61 28.74
N GLU B 11 -1.44 8.41 27.68
CA GLU B 11 -2.27 8.06 26.53
C GLU B 11 -1.61 8.50 25.25
N TYR B 12 -2.01 7.85 24.15
CA TYR B 12 -1.46 8.14 22.83
C TYR B 12 -2.57 8.06 21.79
N LEU B 13 -2.30 8.65 20.62
CA LEU B 13 -3.27 8.69 19.53
C LEU B 13 -2.93 7.63 18.48
N PHE B 14 -3.97 7.19 17.77
CA PHE B 14 -3.79 6.36 16.60
C PHE B 14 -4.97 6.61 15.66
N THR B 15 -4.68 6.66 14.35
CA THR B 15 -5.65 7.06 13.34
C THR B 15 -5.72 6.02 12.24
N SER B 16 -6.94 5.70 11.80
CA SER B 16 -7.17 4.94 10.56
C SER B 16 -8.28 5.61 9.76
N GLU B 17 -8.48 5.13 8.53
CA GLU B 17 -9.45 5.68 7.59
C GLU B 17 -10.12 4.56 6.80
N SER B 18 -11.29 4.88 6.23
CA SER B 18 -11.93 4.02 5.25
C SER B 18 -12.60 4.90 4.19
N VAL B 19 -13.04 4.29 3.09
CA VAL B 19 -13.72 4.99 2.01
C VAL B 19 -14.94 4.18 1.60
N SER B 20 -15.92 4.85 0.99
CA SER B 20 -17.12 4.17 0.56
C SER B 20 -16.89 3.37 -0.73
N GLU B 21 -17.90 2.58 -1.09
CA GLU B 21 -17.85 1.82 -2.35
C GLU B 21 -17.80 2.74 -3.58
N GLY B 22 -18.15 4.02 -3.43
CA GLY B 22 -18.11 4.97 -4.52
C GLY B 22 -16.80 5.72 -4.66
N HIS B 23 -15.87 5.54 -3.71
CA HIS B 23 -14.54 6.09 -3.91
C HIS B 23 -13.90 5.48 -5.15
N PRO B 24 -13.25 6.28 -6.00
CA PRO B 24 -12.81 5.75 -7.32
C PRO B 24 -11.78 4.65 -7.24
N ASP B 25 -10.86 4.67 -6.27
CA ASP B 25 -9.99 3.51 -6.07
C ASP B 25 -10.83 2.27 -5.75
N LYS B 26 -11.85 2.45 -4.91
CA LYS B 26 -12.71 1.31 -4.56
C LYS B 26 -13.58 0.87 -5.74
N VAL B 27 -13.99 1.80 -6.61
CA VAL B 27 -14.72 1.38 -7.80
C VAL B 27 -13.87 0.43 -8.62
N ALA B 28 -12.60 0.76 -8.78
CA ALA B 28 -11.72 -0.08 -9.57
C ALA B 28 -11.51 -1.44 -8.91
N ASP B 29 -11.29 -1.46 -7.58
CA ASP B 29 -11.21 -2.74 -6.87
C ASP B 29 -12.46 -3.58 -7.11
N GLN B 30 -13.64 -2.94 -7.07
CA GLN B 30 -14.88 -3.70 -7.15
C GLN B 30 -15.12 -4.23 -8.55
N VAL B 31 -14.80 -3.45 -9.58
CA VAL B 31 -14.85 -3.97 -10.95
C VAL B 31 -13.90 -5.15 -11.12
N SER B 32 -12.66 -5.00 -10.64
CA SER B 32 -11.68 -6.08 -10.75
C SER B 32 -12.19 -7.38 -10.13
N ASP B 33 -12.76 -7.32 -8.92
CA ASP B 33 -13.24 -8.54 -8.25
C ASP B 33 -14.60 -9.02 -8.76
N ALA B 34 -15.42 -8.13 -9.30
CA ALA B 34 -16.64 -8.57 -9.97
C ALA B 34 -16.30 -9.38 -11.22
N ILE B 35 -15.29 -8.93 -11.97
CA ILE B 35 -14.81 -9.70 -13.12
C ILE B 35 -14.20 -11.02 -12.65
N LEU B 36 -13.39 -10.98 -11.58
CA LEU B 36 -12.88 -12.23 -11.03
C LEU B 36 -14.00 -13.19 -10.66
N ASP B 37 -15.02 -12.70 -9.93
CA ASP B 37 -16.13 -13.58 -9.54
C ASP B 37 -16.81 -14.19 -10.76
N ALA B 38 -17.11 -13.37 -11.78
CA ALA B 38 -17.79 -13.85 -12.97
C ALA B 38 -16.98 -14.95 -13.66
N ILE B 39 -15.66 -14.83 -13.65
CA ILE B 39 -14.82 -15.87 -14.23
C ILE B 39 -14.85 -17.12 -13.35
N LEU B 40 -14.67 -16.93 -12.04
CA LEU B 40 -14.61 -18.09 -11.14
C LEU B 40 -15.93 -18.86 -11.11
N ALA B 41 -17.05 -18.17 -11.32
CA ALA B 41 -18.34 -18.84 -11.35
C ALA B 41 -18.36 -19.93 -12.43
N GLN B 42 -17.72 -19.67 -13.58
CA GLN B 42 -17.67 -20.67 -14.65
C GLN B 42 -16.44 -21.56 -14.58
N ASP B 43 -15.33 -21.08 -14.03
CA ASP B 43 -14.04 -21.74 -14.14
C ASP B 43 -13.27 -21.53 -12.84
N PRO B 44 -13.53 -22.40 -11.84
CA PRO B 44 -12.87 -22.22 -10.53
C PRO B 44 -11.35 -22.22 -10.57
N LYS B 45 -10.73 -22.84 -11.59
CA LYS B 45 -9.28 -22.94 -11.70
C LYS B 45 -8.64 -21.79 -12.48
N ALA B 46 -9.44 -20.81 -12.91
CA ALA B 46 -8.93 -19.69 -13.70
C ALA B 46 -7.77 -18.97 -13.02
N ARG B 47 -6.83 -18.50 -13.83
CA ARG B 47 -5.80 -17.56 -13.39
C ARG B 47 -6.20 -16.16 -13.82
N VAL B 48 -6.20 -15.21 -12.88
CA VAL B 48 -6.74 -13.88 -13.15
C VAL B 48 -5.84 -12.85 -12.50
N ALA B 49 -5.51 -11.79 -13.25
CA ALA B 49 -4.76 -10.65 -12.75
C ALA B 49 -5.37 -9.44 -13.44
N ALA B 50 -6.54 -9.01 -12.97
CA ALA B 50 -7.36 -8.04 -13.68
C ALA B 50 -7.23 -6.68 -13.00
N GLU B 51 -6.59 -5.76 -13.71
CA GLU B 51 -6.36 -4.39 -13.24
C GLU B 51 -7.36 -3.47 -13.90
N THR B 52 -7.86 -2.49 -13.12
CA THR B 52 -8.88 -1.56 -13.60
C THR B 52 -8.40 -0.12 -13.37
N LEU B 53 -8.64 0.74 -14.34
CA LEU B 53 -8.43 2.18 -14.20
C LEU B 53 -9.72 2.90 -14.54
N VAL B 54 -10.18 3.78 -13.66
CA VAL B 54 -11.36 4.59 -13.95
C VAL B 54 -10.97 6.06 -13.92
N ASN B 55 -11.57 6.84 -14.80
CA ASN B 55 -11.41 8.29 -14.87
C ASN B 55 -12.69 8.83 -15.51
N THR B 56 -12.69 10.11 -15.87
CA THR B 56 -13.86 10.72 -16.48
C THR B 56 -14.35 9.89 -17.67
N GLY B 57 -15.62 9.45 -17.59
CA GLY B 57 -16.21 8.62 -18.62
C GLY B 57 -15.38 7.42 -19.04
N LEU B 58 -14.50 6.91 -18.18
CA LEU B 58 -13.52 5.93 -18.63
C LEU B 58 -13.39 4.76 -17.67
N CYS B 59 -13.45 3.55 -18.20
CA CYS B 59 -13.13 2.34 -17.44
C CYS B 59 -12.24 1.45 -18.32
N VAL B 60 -10.96 1.37 -17.97
CA VAL B 60 -9.98 0.55 -18.69
C VAL B 60 -9.80 -0.76 -17.96
N LEU B 61 -9.91 -1.87 -18.68
CA LEU B 61 -9.73 -3.21 -18.14
C LEU B 61 -8.47 -3.79 -18.75
N ALA B 62 -7.49 -4.15 -17.92
CA ALA B 62 -6.24 -4.66 -18.46
C ALA B 62 -5.71 -5.75 -17.54
N GLY B 63 -4.81 -6.59 -18.09
CA GLY B 63 -4.21 -7.63 -17.29
C GLY B 63 -4.18 -8.96 -18.02
N GLU B 64 -4.01 -10.03 -17.26
CA GLU B 64 -3.79 -11.36 -17.82
C GLU B 64 -4.86 -12.30 -17.28
N ILE B 65 -5.46 -13.08 -18.16
CA ILE B 65 -6.51 -14.00 -17.77
C ILE B 65 -6.30 -15.32 -18.51
N THR B 66 -6.29 -16.42 -17.76
CA THR B 66 -6.23 -17.77 -18.32
C THR B 66 -7.46 -18.51 -17.85
N THR B 67 -8.43 -18.72 -18.74
CA THR B 67 -9.69 -19.31 -18.35
C THR B 67 -10.41 -19.94 -19.54
N THR B 68 -11.30 -20.86 -19.22
CA THR B 68 -12.33 -21.35 -20.12
C THR B 68 -13.64 -20.59 -19.98
N ALA B 69 -13.74 -19.65 -19.04
CA ALA B 69 -14.98 -18.92 -18.84
C ALA B 69 -15.25 -18.02 -20.04
N GLN B 70 -16.53 -17.76 -20.31
CA GLN B 70 -16.95 -16.81 -21.34
C GLN B 70 -17.77 -15.73 -20.65
N VAL B 71 -17.16 -14.57 -20.43
CA VAL B 71 -17.72 -13.49 -19.64
C VAL B 71 -17.79 -12.24 -20.51
N ASP B 72 -18.92 -11.55 -20.47
CA ASP B 72 -19.03 -10.23 -21.11
C ASP B 72 -18.45 -9.22 -20.13
N TYR B 73 -17.15 -8.90 -20.29
CA TYR B 73 -16.47 -8.08 -19.29
C TYR B 73 -17.04 -6.68 -19.24
N ILE B 74 -17.39 -6.10 -20.39
CA ILE B 74 -17.93 -4.76 -20.41
C ILE B 74 -19.24 -4.71 -19.63
N LYS B 75 -20.12 -5.70 -19.86
CA LYS B 75 -21.40 -5.73 -19.14
C LYS B 75 -21.19 -5.88 -17.64
N VAL B 76 -20.25 -6.74 -17.23
CA VAL B 76 -20.01 -6.92 -15.79
C VAL B 76 -19.50 -5.62 -15.19
N ALA B 77 -18.62 -4.93 -15.89
CA ALA B 77 -18.09 -3.65 -15.37
C ALA B 77 -19.20 -2.61 -15.26
N ARG B 78 -20.06 -2.49 -16.29
CA ARG B 78 -21.12 -1.51 -16.24
C ARG B 78 -22.11 -1.82 -15.11
N GLU B 79 -22.46 -3.10 -14.94
CA GLU B 79 -23.40 -3.46 -13.89
C GLU B 79 -22.82 -3.14 -12.51
N THR B 80 -21.52 -3.38 -12.32
CA THR B 80 -20.88 -3.06 -11.04
C THR B 80 -20.92 -1.57 -10.76
N ILE B 81 -20.61 -0.76 -11.78
CA ILE B 81 -20.62 0.69 -11.61
C ILE B 81 -22.04 1.16 -11.34
N LYS B 82 -23.02 0.54 -12.00
CA LYS B 82 -24.42 0.92 -11.80
C LYS B 82 -24.86 0.63 -10.37
N ARG B 83 -24.50 -0.55 -9.86
CA ARG B 83 -24.90 -0.93 -8.50
C ARG B 83 -24.26 0.00 -7.46
N ILE B 84 -23.04 0.47 -7.73
CA ILE B 84 -22.40 1.42 -6.83
C ILE B 84 -23.18 2.74 -6.77
N GLY B 85 -23.87 3.10 -7.85
CA GLY B 85 -24.71 4.29 -7.87
C GLY B 85 -24.32 5.34 -8.90
N TYR B 86 -23.34 5.09 -9.76
CA TYR B 86 -22.94 6.04 -10.79
C TYR B 86 -23.85 5.86 -12.01
N ASN B 87 -24.97 6.57 -11.99
CA ASN B 87 -26.09 6.38 -12.91
CA ASN B 87 -26.01 6.35 -13.00
C ASN B 87 -26.44 7.66 -13.66
N SER B 88 -25.55 8.64 -13.69
CA SER B 88 -25.88 9.90 -14.35
C SER B 88 -24.59 10.55 -14.81
N SER B 89 -24.57 10.96 -16.08
CA SER B 89 -23.48 11.75 -16.63
C SER B 89 -23.20 13.00 -15.81
N GLU B 90 -24.19 13.46 -15.03
CA GLU B 90 -23.98 14.62 -14.17
C GLU B 90 -22.83 14.39 -13.22
N LEU B 91 -22.56 13.13 -12.88
CA LEU B 91 -21.47 12.79 -11.99
C LEU B 91 -20.15 12.59 -12.72
N GLY B 92 -20.13 12.77 -14.04
CA GLY B 92 -18.92 12.59 -14.85
C GLY B 92 -18.60 11.12 -15.05
N PHE B 93 -19.21 10.27 -14.23
CA PHE B 93 -19.10 8.82 -14.32
C PHE B 93 -20.51 8.23 -14.29
N ASP B 94 -20.80 7.42 -15.30
CA ASP B 94 -22.15 6.92 -15.58
C ASP B 94 -21.98 5.50 -16.13
N ALA B 95 -22.60 4.52 -15.47
CA ALA B 95 -22.49 3.14 -15.94
C ALA B 95 -23.01 2.96 -17.36
N ASN B 96 -24.07 3.69 -17.73
CA ASN B 96 -24.69 3.52 -19.04
C ASN B 96 -23.93 4.24 -20.15
N GLY B 97 -23.13 5.25 -19.80
CA GLY B 97 -22.58 6.13 -20.80
C GLY B 97 -21.08 6.19 -20.87
N CYS B 98 -20.37 5.58 -19.93
CA CYS B 98 -18.92 5.65 -19.95
C CYS B 98 -18.34 4.72 -21.03
N ALA B 99 -17.11 5.00 -21.42
CA ALA B 99 -16.37 4.09 -22.29
C ALA B 99 -15.72 2.97 -21.47
N VAL B 100 -15.96 1.72 -21.86
CA VAL B 100 -15.28 0.58 -21.24
C VAL B 100 -14.41 -0.04 -22.33
N GLY B 101 -13.10 -0.07 -22.10
CA GLY B 101 -12.17 -0.69 -23.05
C GLY B 101 -11.47 -1.90 -22.46
N VAL B 102 -11.47 -3.01 -23.20
CA VAL B 102 -10.94 -4.29 -22.73
C VAL B 102 -9.61 -4.55 -23.42
N TYR B 103 -8.56 -4.64 -22.61
CA TYR B 103 -7.21 -4.88 -23.13
C TYR B 103 -6.61 -6.18 -22.62
N TYR B 104 -7.41 -7.06 -22.01
CA TYR B 104 -6.87 -8.25 -21.37
C TYR B 104 -6.06 -9.12 -22.33
N ASP B 105 -4.87 -9.55 -21.90
CA ASP B 105 -4.18 -10.66 -22.56
CA ASP B 105 -4.21 -10.67 -22.58
C ASP B 105 -4.88 -11.94 -22.08
N GLN B 106 -5.75 -12.50 -22.91
CA GLN B 106 -6.56 -13.64 -22.49
C GLN B 106 -6.07 -14.90 -23.19
N GLN B 107 -5.76 -15.92 -22.41
CA GLN B 107 -5.28 -17.19 -22.91
C GLN B 107 -6.18 -18.32 -22.42
N SER B 108 -6.16 -19.42 -23.16
CA SER B 108 -6.77 -20.65 -22.71
C SER B 108 -5.76 -21.48 -21.91
N PRO B 109 -6.20 -22.23 -20.92
CA PRO B 109 -5.32 -23.08 -20.09
C PRO B 109 -4.54 -24.12 -20.90
N ASP B 122 -0.04 -32.37 -4.95
CA ASP B 122 0.09 -30.98 -5.37
C ASP B 122 -0.19 -30.03 -4.21
N LEU B 123 -0.76 -30.57 -3.13
CA LEU B 123 -0.90 -29.79 -1.91
C LEU B 123 0.46 -29.48 -1.29
N ASN B 124 1.49 -30.22 -1.67
CA ASN B 124 2.87 -29.97 -1.24
C ASN B 124 3.68 -29.19 -2.28
N GLN B 125 3.02 -28.54 -3.24
CA GLN B 125 3.74 -27.62 -4.11
C GLN B 125 4.40 -26.54 -3.28
N GLY B 126 5.71 -26.37 -3.48
CA GLY B 126 6.45 -25.39 -2.71
C GLY B 126 6.15 -23.98 -3.15
N ALA B 127 6.62 -23.02 -2.36
CA ALA B 127 6.43 -21.61 -2.68
C ALA B 127 7.29 -21.21 -3.88
N GLY B 128 6.86 -20.14 -4.55
CA GLY B 128 7.58 -19.62 -5.69
C GLY B 128 8.34 -18.34 -5.41
N ASP B 129 8.13 -17.78 -4.22
CA ASP B 129 8.81 -16.58 -3.77
C ASP B 129 9.14 -16.74 -2.29
N GLN B 130 10.23 -16.13 -1.86
CA GLN B 130 10.37 -15.90 -0.43
C GLN B 130 9.22 -15.00 -0.02
N GLY B 131 8.59 -15.31 1.10
CA GLY B 131 7.39 -14.60 1.52
C GLY B 131 7.40 -14.25 2.99
N LEU B 132 6.99 -13.04 3.29
CA LEU B 132 6.59 -12.63 4.65
C LEU B 132 5.19 -12.07 4.55
N MET B 133 4.29 -12.64 5.35
CA MET B 133 2.89 -12.22 5.40
C MET B 133 2.52 -11.91 6.84
N PHE B 134 1.63 -10.94 7.00
CA PHE B 134 1.20 -10.49 8.32
C PHE B 134 -0.29 -10.74 8.51
N GLY B 135 -0.67 -11.11 9.72
CA GLY B 135 -2.06 -11.16 10.10
C GLY B 135 -2.23 -10.59 11.49
N TYR B 136 -3.42 -10.06 11.76
CA TYR B 136 -3.63 -9.34 13.00
C TYR B 136 -5.05 -9.56 13.50
N ALA B 137 -5.18 -9.64 14.82
CA ALA B 137 -6.49 -9.62 15.48
C ALA B 137 -6.32 -9.09 16.89
N CYS B 138 -7.43 -8.63 17.47
CA CYS B 138 -7.43 -8.12 18.84
C CYS B 138 -8.88 -8.02 19.30
N ASP B 139 -9.08 -7.91 20.61
CA ASP B 139 -10.41 -7.94 21.19
C ASP B 139 -11.09 -6.56 21.24
N GLU B 140 -10.62 -5.60 20.44
CA GLU B 140 -11.15 -4.24 20.57
C GLU B 140 -12.57 -4.11 20.02
N THR B 141 -13.00 -5.01 19.13
CA THR B 141 -14.26 -4.88 18.42
C THR B 141 -14.92 -6.24 18.33
N PRO B 142 -16.23 -6.28 18.01
CA PRO B 142 -16.92 -7.58 18.02
C PRO B 142 -16.36 -8.59 17.02
N THR B 143 -15.88 -8.14 15.85
CA THR B 143 -15.27 -9.07 14.90
C THR B 143 -13.75 -9.15 15.05
N LEU B 144 -13.22 -8.69 16.19
CA LEU B 144 -11.82 -8.90 16.57
C LEU B 144 -10.85 -8.14 15.65
N MET B 145 -11.17 -6.89 15.36
CA MET B 145 -10.38 -6.00 14.54
C MET B 145 -9.91 -4.81 15.36
N PRO B 146 -8.82 -4.16 14.95
CA PRO B 146 -8.46 -2.87 15.57
C PRO B 146 -9.60 -1.89 15.46
N PHE B 147 -9.78 -1.08 16.52
CA PHE B 147 -10.94 -0.21 16.65
C PHE B 147 -11.06 0.77 15.48
N ALA B 148 -9.98 1.47 15.15
CA ALA B 148 -10.08 2.60 14.22
C ALA B 148 -10.54 2.16 12.85
N ILE B 149 -9.94 1.09 12.31
CA ILE B 149 -10.33 0.64 10.99
C ILE B 149 -11.74 0.07 11.02
N TYR B 150 -12.07 -0.70 12.06
CA TYR B 150 -13.38 -1.35 12.13
C TYR B 150 -14.51 -0.33 12.05
N TYR B 151 -14.42 0.74 12.85
CA TYR B 151 -15.51 1.71 12.89
C TYR B 151 -15.46 2.67 11.70
N SER B 152 -14.28 2.91 11.10
CA SER B 152 -14.24 3.68 9.86
C SER B 152 -14.99 2.97 8.75
N HIS B 153 -14.78 1.65 8.60
CA HIS B 153 -15.58 0.89 7.64
C HIS B 153 -17.06 1.06 7.92
N ARG B 154 -17.45 0.94 9.19
CA ARG B 154 -18.86 1.02 9.56
C ARG B 154 -19.43 2.39 9.24
N LEU B 155 -18.65 3.44 9.46
CA LEU B 155 -19.08 4.78 9.07
C LEU B 155 -19.41 4.85 7.59
N MET B 156 -18.58 4.21 6.76
CA MET B 156 -18.76 4.28 5.32
C MET B 156 -19.89 3.39 4.85
N GLN B 157 -20.07 2.21 5.46
CA GLN B 157 -21.23 1.38 5.12
C GLN B 157 -22.52 2.08 5.49
N ARG B 158 -22.54 2.80 6.62
CA ARG B 158 -23.73 3.53 7.02
C ARG B 158 -24.09 4.60 5.99
N GLN B 159 -23.08 5.35 5.52
CA GLN B 159 -23.29 6.33 4.45
C GLN B 159 -23.92 5.66 3.23
N SER B 160 -23.35 4.55 2.80
CA SER B 160 -23.86 3.83 1.65
C SER B 160 -25.30 3.38 1.88
N GLU B 161 -25.59 2.86 3.08
CA GLU B 161 -26.90 2.31 3.36
C GLU B 161 -27.99 3.37 3.29
N LEU B 162 -27.74 4.55 3.88
CA LEU B 162 -28.76 5.59 3.93
C LEU B 162 -28.92 6.28 2.57
N ARG B 163 -27.89 6.26 1.75
CA ARG B 163 -28.01 6.74 0.38
C ARG B 163 -28.88 5.80 -0.45
N LYS B 164 -28.63 4.49 -0.32
CA LYS B 164 -29.30 3.50 -1.16
C LYS B 164 -30.75 3.29 -0.79
N ASP B 165 -31.12 3.34 0.50
CA ASP B 165 -32.53 3.18 0.82
C ASP B 165 -33.28 4.50 0.81
N GLY B 166 -32.66 5.58 0.32
CA GLY B 166 -33.33 6.87 0.20
C GLY B 166 -33.64 7.62 1.48
N ARG B 167 -33.11 7.19 2.63
CA ARG B 167 -33.31 7.98 3.85
C ARG B 167 -32.60 9.33 3.73
N LEU B 168 -31.43 9.36 3.08
CA LEU B 168 -30.72 10.60 2.80
C LEU B 168 -30.48 10.67 1.29
N PRO B 169 -31.52 10.98 0.52
CA PRO B 169 -31.41 10.84 -0.95
C PRO B 169 -30.40 11.80 -1.58
N TRP B 170 -30.02 12.87 -0.90
CA TRP B 170 -29.07 13.80 -1.50
C TRP B 170 -27.64 13.30 -1.43
N LEU B 171 -27.39 12.18 -0.75
CA LEU B 171 -26.05 11.61 -0.70
C LEU B 171 -25.63 11.12 -2.07
N ARG B 172 -24.35 11.19 -2.35
CA ARG B 172 -23.83 10.69 -3.62
C ARG B 172 -22.81 9.60 -3.30
N PRO B 173 -22.30 8.84 -4.27
CA PRO B 173 -21.59 7.60 -3.90
C PRO B 173 -20.26 7.81 -3.20
N ASP B 174 -19.54 8.88 -3.51
CA ASP B 174 -18.15 9.01 -3.08
C ASP B 174 -18.08 9.59 -1.66
N ALA B 175 -17.33 8.91 -0.76
CA ALA B 175 -17.18 9.40 0.61
C ALA B 175 -15.95 8.78 1.26
N LYS B 176 -15.47 9.45 2.30
CA LYS B 176 -14.33 9.00 3.09
C LYS B 176 -14.62 9.27 4.56
N ALA B 177 -14.00 8.48 5.45
CA ALA B 177 -14.11 8.74 6.88
C ALA B 177 -12.77 8.44 7.54
N GLN B 178 -12.53 9.10 8.66
CA GLN B 178 -11.25 8.94 9.35
C GLN B 178 -11.46 9.15 10.83
N LEU B 179 -10.95 8.23 11.65
CA LEU B 179 -11.08 8.27 13.10
C LEU B 179 -9.72 8.40 13.76
N THR B 180 -9.58 9.37 14.64
CA THR B 180 -8.43 9.47 15.51
C THR B 180 -8.87 9.06 16.91
N VAL B 181 -8.31 7.97 17.41
CA VAL B 181 -8.73 7.36 18.67
C VAL B 181 -7.65 7.57 19.72
N VAL B 182 -8.08 7.70 20.98
CA VAL B 182 -7.18 7.84 22.11
C VAL B 182 -7.10 6.51 22.85
N TYR B 183 -5.88 5.97 22.99
CA TYR B 183 -5.60 4.73 23.68
C TYR B 183 -4.92 5.03 25.01
N ASP B 184 -5.06 4.12 25.98
CA ASP B 184 -4.33 4.22 27.23
C ASP B 184 -2.97 3.57 27.05
N SER B 185 -1.92 4.23 27.57
CA SER B 185 -0.55 3.88 27.20
C SER B 185 -0.14 2.50 27.73
N GLU B 186 -0.56 2.16 28.95
CA GLU B 186 -0.27 0.84 29.51
C GLU B 186 -1.41 -0.16 29.30
N THR B 187 -2.66 0.32 29.32
CA THR B 187 -3.80 -0.60 29.23
C THR B 187 -3.95 -1.16 27.82
N GLY B 188 -3.74 -0.32 26.81
CA GLY B 188 -4.03 -0.70 25.44
C GLY B 188 -5.48 -0.55 25.04
N LYS B 189 -6.34 -0.08 25.95
CA LYS B 189 -7.75 0.04 25.67
C LYS B 189 -8.07 1.41 25.08
N VAL B 190 -9.04 1.43 24.16
CA VAL B 190 -9.58 2.70 23.69
C VAL B 190 -10.17 3.44 24.88
N LYS B 191 -9.86 4.74 24.98
CA LYS B 191 -10.45 5.58 26.01
C LYS B 191 -11.49 6.55 25.47
N ARG B 192 -11.28 7.10 24.29
CA ARG B 192 -12.29 7.96 23.67
C ARG B 192 -11.89 8.21 22.22
N ILE B 193 -12.85 8.73 21.46
CA ILE B 193 -12.62 9.12 20.08
C ILE B 193 -12.31 10.61 20.08
N ASP B 194 -11.15 10.97 19.53
CA ASP B 194 -10.71 12.36 19.57
C ASP B 194 -11.28 13.17 18.41
N THR B 195 -11.22 12.62 17.19
CA THR B 195 -11.61 13.35 15.99
C THR B 195 -12.28 12.40 15.03
N VAL B 196 -13.44 12.80 14.50
CA VAL B 196 -14.12 12.10 13.42
C VAL B 196 -14.10 13.00 12.20
N VAL B 197 -13.52 12.52 11.12
CA VAL B 197 -13.57 13.18 9.82
C VAL B 197 -14.53 12.40 8.95
N LEU B 198 -15.41 13.11 8.26
CA LEU B 198 -16.28 12.46 7.28
C LEU B 198 -16.55 13.45 6.16
N SER B 199 -16.14 13.08 4.95
CA SER B 199 -16.43 13.84 3.74
C SER B 199 -17.34 13.00 2.86
N THR B 200 -18.46 13.57 2.42
CA THR B 200 -19.35 12.86 1.53
C THR B 200 -19.74 13.74 0.35
N GLN B 201 -19.71 13.14 -0.84
CA GLN B 201 -20.30 13.75 -2.02
C GLN B 201 -21.80 13.93 -1.79
N HIS B 202 -22.38 14.95 -2.45
CA HIS B 202 -23.77 15.30 -2.18
C HIS B 202 -24.38 16.08 -3.34
N ASP B 203 -25.70 16.05 -3.39
CA ASP B 203 -26.41 16.87 -4.35
CA ASP B 203 -26.48 16.88 -4.30
C ASP B 203 -26.13 18.35 -4.05
N PRO B 204 -26.03 19.18 -5.11
CA PRO B 204 -25.67 20.60 -4.88
C PRO B 204 -26.67 21.38 -4.06
N ALA B 205 -27.94 20.97 -4.05
CA ALA B 205 -28.99 21.81 -3.46
C ALA B 205 -28.91 21.89 -1.94
N ILE B 206 -28.31 20.91 -1.26
CA ILE B 206 -28.35 20.89 0.20
C ILE B 206 -27.25 21.79 0.76
N SER B 207 -27.58 22.55 1.79
CA SER B 207 -26.60 23.41 2.45
C SER B 207 -25.64 22.59 3.30
N GLN B 208 -24.47 23.18 3.58
CA GLN B 208 -23.50 22.48 4.41
C GLN B 208 -23.98 22.35 5.86
N GLU B 209 -24.76 23.32 6.34
CA GLU B 209 -25.29 23.22 7.69
C GLU B 209 -26.23 22.02 7.82
N GLU B 210 -27.12 21.85 6.84
CA GLU B 210 -28.03 20.72 6.86
C GLU B 210 -27.30 19.39 6.64
N LEU B 211 -26.34 19.38 5.72
CA LEU B 211 -25.57 18.16 5.49
C LEU B 211 -24.82 17.75 6.75
N SER B 212 -24.14 18.71 7.39
CA SER B 212 -23.34 18.39 8.55
C SER B 212 -24.19 17.83 9.68
N LYS B 213 -25.33 18.48 9.97
CA LYS B 213 -26.23 17.95 10.99
C LYS B 213 -26.69 16.54 10.65
N ALA B 214 -27.07 16.31 9.39
CA ALA B 214 -27.56 14.99 9.01
C ALA B 214 -26.47 13.93 9.14
N VAL B 215 -25.24 14.26 8.73
CA VAL B 215 -24.15 13.29 8.82
C VAL B 215 -23.85 12.95 10.29
N ILE B 216 -23.85 13.95 11.17
CA ILE B 216 -23.52 13.68 12.57
C ILE B 216 -24.64 12.87 13.23
N GLU B 217 -25.88 13.30 13.05
CA GLU B 217 -26.99 12.68 13.74
C GLU B 217 -27.40 11.33 13.14
N GLN B 218 -27.26 11.16 11.83
CA GLN B 218 -27.81 9.97 11.20
C GLN B 218 -26.77 8.97 10.72
N ILE B 219 -25.52 9.38 10.55
CA ILE B 219 -24.45 8.48 10.13
C ILE B 219 -23.48 8.20 11.26
N ILE B 220 -22.95 9.24 11.89
CA ILE B 220 -21.88 9.07 12.87
C ILE B 220 -22.41 8.55 14.20
N LYS B 221 -23.40 9.25 14.78
CA LYS B 221 -23.86 8.86 16.10
C LYS B 221 -24.51 7.48 16.16
N PRO B 222 -25.28 7.03 15.15
CA PRO B 222 -25.79 5.65 15.22
C PRO B 222 -24.71 4.58 15.12
N VAL B 223 -23.50 4.91 14.68
CA VAL B 223 -22.47 3.91 14.41
C VAL B 223 -21.47 3.80 15.55
N LEU B 224 -21.00 4.96 16.10
CA LEU B 224 -19.90 4.90 17.06
C LEU B 224 -20.42 4.68 18.47
N PRO B 225 -19.64 4.03 19.34
CA PRO B 225 -20.07 3.83 20.75
C PRO B 225 -20.33 5.16 21.42
N PRO B 226 -21.52 5.36 21.99
CA PRO B 226 -21.84 6.67 22.60
C PRO B 226 -20.88 7.10 23.69
N GLU B 227 -20.43 6.16 24.53
CA GLU B 227 -19.60 6.50 25.67
C GLU B 227 -18.19 6.92 25.26
N LEU B 228 -17.80 6.73 24.00
CA LEU B 228 -16.52 7.21 23.52
C LEU B 228 -16.62 8.53 22.77
N LEU B 229 -17.84 9.08 22.63
CA LEU B 229 -18.04 10.41 22.07
C LEU B 229 -18.26 11.38 23.24
N THR B 230 -17.24 12.18 23.54
CA THR B 230 -17.32 13.13 24.64
C THR B 230 -17.42 14.55 24.10
N ASP B 231 -17.44 15.50 25.03
CA ASP B 231 -17.50 16.92 24.69
C ASP B 231 -16.23 17.41 24.02
N GLU B 232 -15.15 16.63 24.10
CA GLU B 232 -13.90 16.96 23.42
C GLU B 232 -13.80 16.32 22.05
N THR B 233 -14.81 15.57 21.61
CA THR B 233 -14.76 14.97 20.29
C THR B 233 -14.98 16.03 19.22
N LYS B 234 -14.07 16.07 18.24
CA LYS B 234 -14.14 17.03 17.14
C LYS B 234 -14.74 16.36 15.91
N TYR B 235 -15.68 17.05 15.27
CA TYR B 235 -16.36 16.57 14.07
C TYR B 235 -15.99 17.49 12.94
N LEU B 236 -15.36 16.93 11.90
CA LEU B 236 -14.95 17.67 10.71
C LEU B 236 -15.69 17.07 9.51
N ILE B 237 -16.74 17.76 9.06
CA ILE B 237 -17.65 17.26 8.03
C ILE B 237 -17.49 18.13 6.80
N ASN B 238 -17.17 17.51 5.67
CA ASN B 238 -16.92 18.18 4.40
C ASN B 238 -16.06 19.43 4.60
N PRO B 239 -14.88 19.30 5.21
CA PRO B 239 -14.13 20.49 5.63
C PRO B 239 -13.68 21.37 4.46
N THR B 240 -13.81 20.88 3.22
CA THR B 240 -13.55 21.73 2.07
CA THR B 240 -13.54 21.73 2.07
C THR B 240 -14.66 22.75 1.87
N GLY B 241 -15.89 22.41 2.25
CA GLY B 241 -17.02 23.30 2.12
C GLY B 241 -17.94 23.00 0.95
N ARG B 242 -17.65 21.96 0.16
CA ARG B 242 -18.46 21.58 -1.00
C ARG B 242 -17.88 20.33 -1.63
N PHE B 243 -18.73 19.38 -1.98
CA PHE B 243 -18.29 18.07 -2.48
C PHE B 243 -19.34 17.60 -3.49
N VAL B 244 -19.48 18.33 -4.59
CA VAL B 244 -20.40 17.96 -5.65
C VAL B 244 -19.69 17.10 -6.71
N ILE B 245 -18.55 17.60 -7.21
CA ILE B 245 -17.72 16.83 -8.12
C ILE B 245 -17.09 15.68 -7.35
N GLY B 246 -17.25 14.48 -7.86
CA GLY B 246 -16.71 13.33 -7.19
C GLY B 246 -16.47 12.22 -8.16
N GLY B 247 -16.28 11.03 -7.61
CA GLY B 247 -16.00 9.85 -8.39
C GLY B 247 -14.76 9.99 -9.25
N PRO B 248 -14.68 9.15 -10.28
CA PRO B 248 -13.47 9.12 -11.13
C PRO B 248 -13.12 10.45 -11.77
N GLN B 249 -14.09 11.32 -12.06
CA GLN B 249 -13.77 12.62 -12.64
C GLN B 249 -12.89 13.44 -11.70
N GLY B 250 -13.30 13.56 -10.45
CA GLY B 250 -12.51 14.33 -9.48
C GLY B 250 -11.24 13.65 -9.01
N ASP B 251 -11.14 12.32 -9.18
CA ASP B 251 -9.97 11.58 -8.69
C ASP B 251 -9.87 10.26 -9.47
N CYS B 252 -8.91 10.16 -10.40
CA CYS B 252 -8.65 8.90 -11.09
C CYS B 252 -8.49 7.76 -10.09
N GLY B 253 -9.14 6.64 -10.36
CA GLY B 253 -9.11 5.47 -9.47
C GLY B 253 -8.40 4.29 -10.13
N LEU B 254 -7.67 3.51 -9.32
CA LEU B 254 -6.94 2.34 -9.82
CA LEU B 254 -6.87 2.36 -9.79
C LEU B 254 -7.06 1.18 -8.84
N THR B 255 -7.01 -0.03 -9.40
CA THR B 255 -7.03 -1.24 -8.60
C THR B 255 -5.83 -1.26 -7.65
N GLY B 256 -6.07 -1.66 -6.40
CA GLY B 256 -4.95 -1.89 -5.50
C GLY B 256 -4.30 -0.66 -4.90
N ARG B 257 -5.06 0.42 -4.74
CA ARG B 257 -4.56 1.67 -4.19
C ARG B 257 -5.19 1.99 -2.84
N LYS B 258 -5.82 1.00 -2.22
CA LYS B 258 -6.41 1.11 -0.90
C LYS B 258 -6.06 -0.11 -0.06
N ILE B 259 -4.78 -0.53 -0.11
CA ILE B 259 -4.44 -1.81 0.52
C ILE B 259 -4.45 -1.73 2.04
N ILE B 260 -4.30 -0.52 2.61
CA ILE B 260 -4.34 -0.37 4.07
C ILE B 260 -5.79 -0.28 4.56
N VAL B 261 -6.64 0.44 3.82
CA VAL B 261 -8.08 0.37 4.00
C VAL B 261 -8.55 -1.08 3.93
N ASP B 262 -8.01 -1.84 2.96
CA ASP B 262 -8.42 -3.23 2.76
C ASP B 262 -8.04 -4.15 3.92
N THR B 263 -7.08 -3.76 4.76
CA THR B 263 -6.51 -4.67 5.75
C THR B 263 -6.75 -4.11 7.14
N TYR B 264 -5.76 -3.50 7.79
CA TYR B 264 -5.85 -3.18 9.22
C TYR B 264 -5.75 -1.69 9.52
N GLY B 265 -5.85 -0.83 8.52
CA GLY B 265 -5.78 0.61 8.75
C GLY B 265 -4.51 1.09 9.40
N GLY B 266 -3.40 0.38 9.20
CA GLY B 266 -2.12 0.77 9.75
C GLY B 266 -1.79 0.19 11.11
N ALA B 267 -2.68 -0.61 11.71
CA ALA B 267 -2.38 -1.19 13.02
C ALA B 267 -1.37 -2.33 12.95
N ALA B 268 -1.07 -2.83 11.76
CA ALA B 268 -0.08 -3.89 11.59
C ALA B 268 0.69 -3.61 10.31
N PRO B 269 1.92 -4.13 10.20
CA PRO B 269 2.65 -3.97 8.94
C PRO B 269 1.97 -4.71 7.81
N HIS B 270 2.28 -4.27 6.59
CA HIS B 270 1.78 -4.85 5.35
C HIS B 270 2.98 -5.27 4.52
N GLY B 271 2.88 -6.43 3.87
CA GLY B 271 3.98 -6.95 3.08
C GLY B 271 4.10 -6.39 1.68
N GLY B 272 3.02 -5.83 1.13
CA GLY B 272 3.13 -5.09 -0.12
C GLY B 272 2.04 -5.20 -1.19
N GLY B 273 1.48 -6.37 -1.39
CA GLY B 273 0.66 -6.61 -2.56
C GLY B 273 -0.83 -6.29 -2.37
N ALA B 274 -1.51 -6.06 -3.49
CA ALA B 274 -2.94 -5.78 -3.53
C ALA B 274 -3.74 -7.08 -3.67
N PHE B 275 -5.03 -7.01 -3.32
CA PHE B 275 -5.92 -8.17 -3.33
C PHE B 275 -6.75 -8.28 -4.60
N SER B 276 -7.49 -7.21 -4.93
CA SER B 276 -8.59 -7.33 -5.88
C SER B 276 -8.08 -7.59 -7.29
N GLY B 277 -8.84 -8.38 -8.04
CA GLY B 277 -8.46 -8.79 -9.38
C GLY B 277 -7.57 -10.01 -9.45
N LYS B 278 -7.17 -10.57 -8.30
CA LYS B 278 -6.24 -11.71 -8.26
C LYS B 278 -6.99 -12.97 -7.83
N ASP B 279 -6.81 -14.05 -8.57
CA ASP B 279 -7.34 -15.34 -8.17
C ASP B 279 -6.57 -15.85 -6.94
N PRO B 280 -7.09 -16.86 -6.24
CA PRO B 280 -6.43 -17.33 -5.00
C PRO B 280 -5.06 -17.97 -5.19
N SER B 281 -4.63 -18.31 -6.40
CA SER B 281 -3.27 -18.79 -6.53
C SER B 281 -2.23 -17.71 -6.23
N LYS B 282 -2.65 -16.45 -6.11
CA LYS B 282 -1.73 -15.37 -5.76
C LYS B 282 -1.57 -15.34 -4.24
N VAL B 283 -0.38 -15.69 -3.75
CA VAL B 283 -0.16 -15.75 -2.31
C VAL B 283 -0.33 -14.37 -1.67
N ASP B 284 -0.14 -13.29 -2.44
CA ASP B 284 -0.46 -11.95 -1.94
C ASP B 284 -1.86 -11.89 -1.35
N ARG B 285 -2.81 -12.63 -1.94
CA ARG B 285 -4.17 -12.63 -1.44
C ARG B 285 -4.38 -13.79 -0.47
N SER B 286 -4.11 -15.02 -0.92
CA SER B 286 -4.49 -16.19 -0.11
C SER B 286 -3.71 -16.28 1.19
N ALA B 287 -2.42 -15.93 1.18
CA ALA B 287 -1.66 -16.04 2.43
C ALA B 287 -2.04 -14.92 3.41
N ALA B 288 -2.33 -13.73 2.90
CA ALA B 288 -2.83 -12.67 3.77
C ALA B 288 -4.13 -13.09 4.43
N TYR B 289 -5.00 -13.77 3.66
CA TYR B 289 -6.26 -14.23 4.24
C TYR B 289 -6.01 -15.27 5.33
N ALA B 290 -5.13 -16.24 5.07
CA ALA B 290 -4.83 -17.27 6.05
C ALA B 290 -4.23 -16.69 7.32
N CYS B 291 -3.32 -15.71 7.18
CA CYS B 291 -2.72 -15.12 8.37
C CYS B 291 -3.75 -14.44 9.24
N ARG B 292 -4.70 -13.72 8.62
CA ARG B 292 -5.81 -13.16 9.39
C ARG B 292 -6.61 -14.27 10.06
N TYR B 293 -6.91 -15.34 9.31
CA TYR B 293 -7.66 -16.48 9.85
C TYR B 293 -6.99 -17.04 11.11
N VAL B 294 -5.67 -17.24 11.05
CA VAL B 294 -4.96 -17.74 12.23
C VAL B 294 -5.11 -16.78 13.40
N ALA B 295 -4.74 -15.50 13.19
CA ALA B 295 -4.72 -14.55 14.29
C ALA B 295 -6.11 -14.39 14.91
N LYS B 296 -7.15 -14.29 14.08
CA LYS B 296 -8.50 -14.16 14.61
C LYS B 296 -8.86 -15.36 15.50
N ASN B 297 -8.56 -16.57 15.06
CA ASN B 297 -8.96 -17.74 15.84
C ASN B 297 -8.19 -17.85 17.16
N ILE B 298 -6.93 -17.43 17.17
CA ILE B 298 -6.19 -17.38 18.42
C ILE B 298 -6.90 -16.44 19.40
N VAL B 299 -7.21 -15.23 18.97
CA VAL B 299 -7.88 -14.27 19.86
C VAL B 299 -9.25 -14.79 20.27
N ALA B 300 -10.01 -15.35 19.32
CA ALA B 300 -11.33 -15.90 19.65
C ALA B 300 -11.23 -17.09 20.58
N ALA B 301 -10.09 -17.78 20.61
CA ALA B 301 -9.87 -18.84 21.58
C ALA B 301 -9.57 -18.30 22.97
N GLY B 302 -9.57 -16.98 23.15
CA GLY B 302 -9.17 -16.40 24.41
C GLY B 302 -7.72 -16.60 24.75
N LEU B 303 -6.89 -17.06 23.81
CA LEU B 303 -5.48 -17.30 24.09
C LEU B 303 -4.64 -16.04 24.03
N ALA B 304 -5.23 -14.92 23.63
CA ALA B 304 -4.59 -13.61 23.56
C ALA B 304 -5.67 -12.59 23.31
N THR B 305 -5.42 -11.34 23.73
CA THR B 305 -6.33 -10.25 23.42
C THR B 305 -5.81 -9.37 22.29
N GLN B 306 -4.60 -9.64 21.82
CA GLN B 306 -3.96 -8.91 20.73
C GLN B 306 -2.92 -9.86 20.15
N CYS B 307 -2.94 -10.05 18.84
CA CYS B 307 -2.11 -11.10 18.23
C CYS B 307 -1.71 -10.71 16.83
N GLN B 308 -0.40 -10.65 16.59
CA GLN B 308 0.15 -10.44 15.25
C GLN B 308 0.96 -11.68 14.89
N ILE B 309 0.66 -12.28 13.75
CA ILE B 309 1.38 -13.44 13.25
C ILE B 309 2.20 -13.02 12.03
N GLN B 310 3.45 -13.49 11.98
CA GLN B 310 4.33 -13.30 10.83
C GLN B 310 4.72 -14.69 10.32
N VAL B 311 4.41 -14.95 9.06
CA VAL B 311 4.63 -16.25 8.42
C VAL B 311 5.61 -16.09 7.26
N SER B 312 6.69 -16.87 7.32
CA SER B 312 7.75 -16.90 6.32
C SER B 312 7.59 -18.11 5.40
N TYR B 313 7.81 -17.90 4.10
CA TYR B 313 7.94 -18.99 3.15
C TYR B 313 9.32 -18.97 2.48
N ALA B 314 9.80 -20.15 2.12
CA ALA B 314 10.98 -20.30 1.28
C ALA B 314 10.56 -20.86 -0.08
N ILE B 315 11.27 -20.41 -1.12
CA ILE B 315 11.04 -20.93 -2.48
C ILE B 315 11.22 -22.44 -2.48
N GLY B 316 10.25 -23.14 -3.07
CA GLY B 316 10.36 -24.59 -3.19
C GLY B 316 10.05 -25.37 -1.93
N VAL B 317 9.53 -24.71 -0.90
CA VAL B 317 9.15 -25.36 0.35
C VAL B 317 7.69 -25.03 0.60
N ALA B 318 6.87 -26.08 0.81
CA ALA B 318 5.43 -25.87 0.96
C ALA B 318 5.10 -25.35 2.35
N GLU B 319 5.47 -26.09 3.40
CA GLU B 319 5.19 -25.65 4.75
C GLU B 319 5.97 -24.37 5.03
N PRO B 320 5.40 -23.44 5.78
CA PRO B 320 6.16 -22.26 6.23
C PRO B 320 7.46 -22.64 6.90
N THR B 321 8.50 -21.83 6.68
CA THR B 321 9.81 -22.07 7.29
C THR B 321 9.94 -21.43 8.67
N SER B 322 9.18 -20.37 8.94
CA SER B 322 9.25 -19.70 10.23
C SER B 322 7.93 -19.01 10.52
N ILE B 323 7.50 -19.09 11.77
CA ILE B 323 6.28 -18.46 12.24
C ILE B 323 6.59 -17.72 13.53
N SER B 324 6.30 -16.42 13.55
CA SER B 324 6.37 -15.61 14.75
C SER B 324 4.96 -15.18 15.14
N ILE B 325 4.69 -15.20 16.44
CA ILE B 325 3.39 -14.82 16.99
C ILE B 325 3.67 -13.88 18.16
N ASP B 326 3.43 -12.59 17.97
CA ASP B 326 3.52 -11.61 19.03
C ASP B 326 2.14 -11.44 19.65
N THR B 327 2.03 -11.75 20.94
CA THR B 327 0.80 -11.48 21.67
C THR B 327 0.90 -10.24 22.54
N PHE B 328 1.99 -9.49 22.40
CA PHE B 328 2.17 -8.20 23.08
C PHE B 328 1.89 -8.31 24.57
N GLY B 329 2.43 -9.37 25.19
CA GLY B 329 2.24 -9.56 26.61
C GLY B 329 0.86 -9.99 27.03
N THR B 330 -0.04 -10.27 26.08
CA THR B 330 -1.39 -10.70 26.39
C THR B 330 -1.59 -12.21 26.24
N GLY B 331 -0.58 -12.94 25.78
CA GLY B 331 -0.75 -14.36 25.55
C GLY B 331 -0.97 -15.11 26.85
N LYS B 332 -1.90 -16.06 26.82
CA LYS B 332 -2.14 -16.90 27.98
C LYS B 332 -1.21 -18.10 28.04
N ILE B 333 -0.59 -18.46 26.92
CA ILE B 333 0.46 -19.46 26.88
C ILE B 333 1.65 -18.87 26.13
N SER B 334 2.73 -19.63 26.05
CA SER B 334 3.98 -19.14 25.48
C SER B 334 3.89 -19.10 23.96
N GLU B 335 4.71 -18.23 23.35
CA GLU B 335 4.75 -18.11 21.90
C GLU B 335 5.07 -19.44 21.23
N GLU B 336 6.03 -20.16 21.80
CA GLU B 336 6.40 -21.48 21.28
C GLU B 336 5.22 -22.43 21.25
N LYS B 337 4.36 -22.38 22.28
CA LYS B 337 3.23 -23.29 22.35
C LYS B 337 2.14 -22.88 21.37
N LEU B 338 1.91 -21.57 21.22
CA LEU B 338 0.96 -21.10 20.23
C LEU B 338 1.38 -21.50 18.82
N ILE B 339 2.68 -21.41 18.52
CA ILE B 339 3.16 -21.78 17.18
C ILE B 339 2.91 -23.26 16.93
N ALA B 340 3.16 -24.11 17.93
CA ALA B 340 2.90 -25.54 17.76
C ALA B 340 1.42 -25.79 17.49
N LEU B 341 0.54 -25.09 18.19
CA LEU B 341 -0.90 -25.22 17.93
C LEU B 341 -1.24 -24.73 16.51
N VAL B 342 -0.62 -23.64 16.08
CA VAL B 342 -0.87 -23.13 14.74
C VAL B 342 -0.52 -24.18 13.70
N CYS B 343 0.68 -24.76 13.81
CA CYS B 343 1.13 -25.73 12.80
C CYS B 343 0.23 -26.96 12.76
N GLU B 344 -0.29 -27.38 13.92
CA GLU B 344 -1.12 -28.57 13.95
C GLU B 344 -2.53 -28.30 13.43
N HIS B 345 -3.10 -27.14 13.73
CA HIS B 345 -4.50 -26.89 13.42
C HIS B 345 -4.73 -26.17 12.10
N PHE B 346 -3.69 -25.63 11.46
CA PHE B 346 -3.87 -24.96 10.18
C PHE B 346 -2.94 -25.56 9.14
N ASP B 347 -3.42 -25.57 7.89
CA ASP B 347 -2.60 -25.93 6.73
C ASP B 347 -2.19 -24.63 6.06
N LEU B 348 -0.95 -24.20 6.30
CA LEU B 348 -0.46 -22.94 5.79
C LEU B 348 0.38 -23.12 4.52
N ARG B 349 0.43 -24.33 3.98
CA ARG B 349 1.02 -24.53 2.67
C ARG B 349 0.25 -23.72 1.64
N PRO B 350 0.92 -23.23 0.58
CA PRO B 350 0.23 -22.32 -0.37
C PRO B 350 -1.02 -22.92 -1.00
N LYS B 351 -0.98 -24.18 -1.46
CA LYS B 351 -2.20 -24.78 -1.96
C LYS B 351 -3.07 -25.33 -0.85
N GLY B 352 -2.50 -25.60 0.33
CA GLY B 352 -3.31 -26.05 1.44
C GLY B 352 -4.24 -24.96 1.92
N ILE B 353 -3.80 -23.71 1.85
CA ILE B 353 -4.64 -22.58 2.24
C ILE B 353 -5.87 -22.51 1.35
N VAL B 354 -5.67 -22.68 0.04
CA VAL B 354 -6.78 -22.68 -0.92
C VAL B 354 -7.82 -23.72 -0.50
N GLN B 355 -7.36 -24.92 -0.13
CA GLN B 355 -8.28 -25.94 0.35
C GLN B 355 -8.86 -25.58 1.71
N MET B 356 -8.01 -25.13 2.65
CA MET B 356 -8.48 -24.88 4.01
C MET B 356 -9.58 -23.83 4.03
N LEU B 357 -9.47 -22.80 3.22
CA LEU B 357 -10.43 -21.72 3.18
C LEU B 357 -11.41 -21.83 2.01
N ASP B 358 -11.33 -22.90 1.20
CA ASP B 358 -12.29 -23.17 0.13
C ASP B 358 -12.40 -21.96 -0.80
N LEU B 359 -11.24 -21.55 -1.33
CA LEU B 359 -11.14 -20.24 -1.97
C LEU B 359 -11.52 -20.24 -3.44
N LEU B 360 -11.73 -21.39 -4.07
CA LEU B 360 -11.98 -21.43 -5.51
C LEU B 360 -13.47 -21.23 -5.82
N ARG B 361 -14.00 -20.09 -5.38
CA ARG B 361 -15.42 -19.79 -5.47
C ARG B 361 -15.59 -18.30 -5.71
N PRO B 362 -16.77 -17.85 -6.39
CA PRO B 362 -16.99 -16.41 -6.67
C PRO B 362 -17.43 -15.66 -5.42
N ILE B 363 -16.50 -15.47 -4.48
CA ILE B 363 -16.81 -14.90 -3.17
C ILE B 363 -16.14 -13.56 -2.95
N TYR B 364 -15.57 -12.95 -3.99
CA TYR B 364 -14.63 -11.85 -3.75
C TYR B 364 -15.22 -10.48 -3.97
N GLY B 365 -16.31 -10.37 -4.74
CA GLY B 365 -16.84 -9.06 -5.07
C GLY B 365 -17.22 -8.26 -3.85
N LYS B 366 -17.75 -8.93 -2.83
CA LYS B 366 -18.13 -8.26 -1.59
C LYS B 366 -16.92 -7.81 -0.79
N SER B 367 -15.77 -8.48 -0.96
CA SER B 367 -14.58 -8.10 -0.19
C SER B 367 -13.99 -6.78 -0.65
N ALA B 368 -14.36 -6.29 -1.84
CA ALA B 368 -13.62 -5.21 -2.48
C ALA B 368 -14.05 -3.82 -2.02
N ALA B 369 -15.01 -3.71 -1.10
CA ALA B 369 -15.23 -2.45 -0.40
C ALA B 369 -15.60 -2.76 1.04
N TYR B 370 -15.20 -1.85 1.94
CA TYR B 370 -15.48 -1.90 3.38
C TYR B 370 -14.60 -2.92 4.11
N GLY B 371 -13.48 -3.33 3.51
CA GLY B 371 -12.47 -4.10 4.22
C GLY B 371 -12.50 -5.58 3.93
N HIS B 372 -11.34 -6.18 3.70
CA HIS B 372 -11.32 -7.63 3.51
C HIS B 372 -11.41 -8.38 4.83
N PHE B 373 -11.12 -7.70 5.94
CA PHE B 373 -11.03 -8.31 7.26
C PHE B 373 -12.01 -7.62 8.20
N GLY B 374 -12.57 -8.40 9.12
CA GLY B 374 -13.46 -7.85 10.12
C GLY B 374 -14.93 -7.86 9.78
N ARG B 375 -15.33 -8.54 8.72
CA ARG B 375 -16.73 -8.72 8.41
C ARG B 375 -17.04 -10.20 8.38
N GLU B 376 -18.07 -10.60 9.11
CA GLU B 376 -18.42 -12.01 9.22
C GLU B 376 -19.57 -12.34 8.28
N GLU B 377 -19.35 -12.04 6.98
CA GLU B 377 -20.20 -12.54 5.92
C GLU B 377 -19.88 -14.01 5.68
N PRO B 378 -20.87 -14.81 5.28
CA PRO B 378 -20.62 -16.24 5.09
C PRO B 378 -19.62 -16.56 3.98
N GLU B 379 -19.47 -15.67 3.00
CA GLU B 379 -18.46 -15.88 1.97
C GLU B 379 -17.04 -15.89 2.55
N PHE B 380 -16.81 -15.18 3.66
CA PHE B 380 -15.45 -14.89 4.09
C PHE B 380 -15.00 -15.97 5.06
N THR B 381 -14.52 -17.07 4.50
CA THR B 381 -14.11 -18.22 5.32
C THR B 381 -12.97 -17.85 6.26
N TRP B 382 -12.13 -16.88 5.89
CA TRP B 382 -11.02 -16.48 6.74
C TRP B 382 -11.45 -15.63 7.92
N GLU B 383 -12.73 -15.29 8.02
CA GLU B 383 -13.28 -14.62 9.20
C GLU B 383 -14.02 -15.56 10.13
N ARG B 384 -14.17 -16.83 9.78
CA ARG B 384 -14.80 -17.79 10.68
C ARG B 384 -13.88 -18.07 11.86
N THR B 385 -14.45 -18.10 13.06
CA THR B 385 -13.76 -18.55 14.27
C THR B 385 -13.99 -20.03 14.50
N ASP B 386 -14.00 -20.82 13.42
CA ASP B 386 -14.38 -22.23 13.50
C ASP B 386 -13.29 -23.11 14.10
N LYS B 387 -12.11 -22.59 14.38
CA LYS B 387 -11.07 -23.36 15.04
C LYS B 387 -10.77 -22.86 16.45
N ALA B 388 -11.50 -21.88 16.95
CA ALA B 388 -11.21 -21.31 18.26
C ALA B 388 -11.45 -22.32 19.39
N ALA B 389 -12.53 -23.11 19.29
CA ALA B 389 -12.81 -24.08 20.34
C ALA B 389 -11.77 -25.20 20.36
N SER B 390 -11.33 -25.66 19.18
CA SER B 390 -10.29 -26.68 19.10
C SER B 390 -8.97 -26.14 19.64
N LEU B 391 -8.65 -24.89 19.33
CA LEU B 391 -7.42 -24.28 19.87
C LEU B 391 -7.47 -24.21 21.40
N LYS B 392 -8.52 -23.60 21.95
CA LYS B 392 -8.62 -23.49 23.42
C LYS B 392 -8.62 -24.86 24.07
N ALA B 393 -9.24 -25.86 23.42
CA ALA B 393 -9.20 -27.21 23.94
C ALA B 393 -7.76 -27.74 23.94
N ALA B 394 -7.04 -27.54 22.85
CA ALA B 394 -5.71 -28.11 22.71
C ALA B 394 -4.71 -27.45 23.65
N ALA B 395 -4.86 -26.14 23.89
CA ALA B 395 -3.98 -25.45 24.83
C ALA B 395 -4.20 -25.89 26.27
N GLY B 396 -5.36 -26.46 26.60
CA GLY B 396 -5.70 -26.79 27.97
C GLY B 396 -6.91 -26.02 28.47
#